data_4C6R
#
_entry.id   4C6R
#
_cell.length_a   33.925
_cell.length_b   78.637
_cell.length_c   80.668
_cell.angle_alpha   65.63
_cell.angle_beta   78.64
_cell.angle_gamma   78.93
#
_symmetry.space_group_name_H-M   'P 1'
#
loop_
_entity.id
_entity.type
_entity.pdbx_description
1 polymer 'DISEASE RESISTANCE PROTEIN RPS4'
2 water water
#
_entity_poly.entity_id   1
_entity_poly.type   'polypeptide(L)'
_entity_poly.pdbx_seq_one_letter_code
;SNADKPPQHQVFINFRGADLRRRFVSHLVTALKLNNINVFIDDYEDRGQPLDVLLKRIEESKIVLAIFSGNYTESVWCVR
ELEKIKDCTDEGTLVAIPIFYKLEPSTVRDLKGKFGDRFRSMAKGDERKKKWKEAFNLIPNIMGIIIDKKSVESEKVNEI
VKAVKTALTGI
;
_entity_poly.pdbx_strand_id   A,B,C,D
#
# COMPACT_ATOMS: atom_id res chain seq x y z
N GLN A 8 -8.03 31.96 13.78
CA GLN A 8 -9.30 32.41 14.36
C GLN A 8 -9.76 31.52 15.53
N HIS A 9 -9.35 30.25 15.54
CA HIS A 9 -9.80 29.37 16.62
C HIS A 9 -8.64 29.05 17.57
N GLN A 10 -8.99 28.77 18.83
CA GLN A 10 -8.02 28.29 19.80
C GLN A 10 -8.18 26.80 20.07
N VAL A 11 -9.41 26.31 20.04
CA VAL A 11 -9.70 24.93 20.40
C VAL A 11 -10.24 24.13 19.22
N PHE A 12 -9.59 23.00 18.92
CA PHE A 12 -10.09 22.08 17.91
C PHE A 12 -10.84 20.94 18.62
N ILE A 13 -12.08 20.72 18.23
CA ILE A 13 -12.85 19.62 18.82
C ILE A 13 -12.90 18.44 17.85
N ASN A 14 -12.11 17.43 18.17
CA ASN A 14 -11.94 16.25 17.34
C ASN A 14 -12.87 15.10 17.76
N PHE A 15 -13.81 14.73 16.89
CA PHE A 15 -14.78 13.66 17.21
C PHE A 15 -15.53 13.19 15.97
N ARG A 16 -16.31 12.14 16.12
CA ARG A 16 -17.24 11.71 15.07
C ARG A 16 -18.63 11.44 15.66
N GLY A 17 -19.67 11.70 14.86
CA GLY A 17 -21.02 11.37 15.23
C GLY A 17 -21.97 12.55 15.18
N ALA A 18 -22.97 12.48 14.31
CA ALA A 18 -23.97 13.54 14.20
C ALA A 18 -24.78 13.65 15.50
N ASP A 19 -25.11 12.51 16.10
CA ASP A 19 -25.84 12.50 17.37
C ASP A 19 -25.04 13.19 18.46
N LEU A 20 -23.75 12.87 18.55
CA LEU A 20 -22.84 13.50 19.51
C LEU A 20 -22.75 14.99 19.26
N ARG A 21 -22.65 15.38 17.99
CA ARG A 21 -22.62 16.78 17.59
C ARG A 21 -23.85 17.54 18.09
N ARG A 22 -25.02 16.91 17.92
CA ARG A 22 -26.28 17.56 18.25
C ARG A 22 -26.54 17.53 19.75
N ARG A 23 -25.90 16.62 20.47
CA ARG A 23 -26.22 16.53 21.90
C ARG A 23 -25.08 17.07 22.76
N PHE A 24 -24.27 16.20 23.36
CA PHE A 24 -23.24 16.69 24.30
C PHE A 24 -22.34 17.77 23.69
N VAL A 25 -21.89 17.59 22.45
CA VAL A 25 -20.99 18.58 21.85
C VAL A 25 -21.68 19.94 21.66
N SER A 26 -22.98 19.97 21.36
CA SER A 26 -23.66 21.27 21.19
C SER A 26 -23.58 22.05 22.49
N HIS A 27 -23.79 21.36 23.62
CA HIS A 27 -23.70 21.99 24.93
C HIS A 27 -22.27 22.42 25.25
N LEU A 28 -21.29 21.59 24.86
CA LEU A 28 -19.90 21.94 25.11
C LEU A 28 -19.48 23.18 24.30
N VAL A 29 -19.86 23.21 23.02
CA VAL A 29 -19.52 24.33 22.16
C VAL A 29 -20.19 25.62 22.65
N THR A 30 -21.46 25.51 23.05
CA THR A 30 -22.19 26.67 23.57
C THR A 30 -21.49 27.25 24.82
N ALA A 31 -21.06 26.38 25.72
CA ALA A 31 -20.40 26.81 26.95
C ALA A 31 -19.01 27.43 26.68
N LEU A 32 -18.28 26.87 25.74
CA LEU A 32 -16.97 27.43 25.38
C LEU A 32 -17.14 28.80 24.76
N LYS A 33 -18.11 28.96 23.86
CA LYS A 33 -18.35 30.25 23.22
C LYS A 33 -18.85 31.26 24.23
N LEU A 34 -19.65 30.79 25.17
CA LEU A 34 -20.13 31.64 26.27
C LEU A 34 -18.98 32.16 27.12
N ASN A 35 -17.93 31.36 27.20
CA ASN A 35 -16.71 31.72 27.90
C ASN A 35 -15.67 32.31 26.97
N ASN A 36 -16.16 32.84 25.85
CA ASN A 36 -15.34 33.55 24.87
C ASN A 36 -14.21 32.71 24.31
N ILE A 37 -14.44 31.42 24.19
CA ILE A 37 -13.43 30.54 23.61
C ILE A 37 -13.86 30.16 22.20
N ASN A 38 -13.03 30.49 21.22
CA ASN A 38 -13.29 30.19 19.81
C ASN A 38 -12.91 28.77 19.42
N VAL A 39 -13.85 28.04 18.80
CA VAL A 39 -13.63 26.64 18.49
C VAL A 39 -13.82 26.31 17.01
N PHE A 40 -13.13 25.27 16.56
CA PHE A 40 -13.34 24.70 15.24
C PHE A 40 -13.90 23.29 15.39
N ILE A 41 -15.02 23.03 14.74
CA ILE A 41 -15.66 21.73 14.85
C ILE A 41 -15.17 20.77 13.77
N ASP A 42 -14.86 19.53 14.17
CA ASP A 42 -14.37 18.49 13.24
C ASP A 42 -15.35 18.18 12.12
N ASP A 43 -14.85 17.46 11.12
CA ASP A 43 -15.68 16.91 10.05
C ASP A 43 -16.39 15.66 10.63
N TYR A 44 -17.33 15.89 11.54
CA TYR A 44 -17.91 14.83 12.38
C TYR A 44 -18.79 13.82 11.62
N GLU A 45 -19.18 14.17 10.40
CA GLU A 45 -19.95 13.30 9.51
C GLU A 45 -19.17 12.75 8.31
N ASP A 46 -17.88 13.12 8.23
CA ASP A 46 -17.04 12.79 7.08
C ASP A 46 -17.69 13.10 5.73
N ARG A 47 -18.00 14.38 5.49
CA ARG A 47 -18.62 14.76 4.22
C ARG A 47 -17.60 14.75 3.09
N GLY A 48 -16.34 14.85 3.46
CA GLY A 48 -15.25 14.83 2.49
C GLY A 48 -14.53 16.16 2.47
N GLN A 49 -14.63 16.89 3.58
CA GLN A 49 -13.83 18.09 3.80
C GLN A 49 -12.34 17.71 3.72
N PRO A 50 -11.55 18.46 2.93
CA PRO A 50 -10.15 18.10 2.64
C PRO A 50 -9.30 17.87 3.88
N LEU A 51 -8.62 16.73 3.91
CA LEU A 51 -7.86 16.29 5.09
C LEU A 51 -6.72 17.25 5.42
N ASP A 52 -6.09 17.80 4.39
CA ASP A 52 -5.00 18.74 4.61
C ASP A 52 -5.45 19.99 5.34
N VAL A 53 -6.69 20.41 5.10
CA VAL A 53 -7.22 21.58 5.80
C VAL A 53 -7.49 21.21 7.26
N LEU A 54 -8.11 20.06 7.49
CA LEU A 54 -8.35 19.62 8.87
C LEU A 54 -7.04 19.54 9.65
N LEU A 55 -6.03 18.92 9.05
CA LEU A 55 -4.74 18.75 9.70
C LEU A 55 -4.10 20.10 9.98
N LYS A 56 -4.29 21.04 9.06
CA LYS A 56 -3.75 22.38 9.24
C LYS A 56 -4.47 23.08 10.39
N ARG A 57 -5.79 22.90 10.46
CA ARG A 57 -6.57 23.45 11.57
C ARG A 57 -6.10 22.92 12.91
N ILE A 58 -5.78 21.63 12.93
CA ILE A 58 -5.31 21.01 14.15
C ILE A 58 -3.99 21.62 14.60
N GLU A 59 -3.06 21.73 13.65
CA GLU A 59 -1.75 22.32 13.91
C GLU A 59 -1.79 23.74 14.43
N GLU A 60 -2.71 24.55 13.90
CA GLU A 60 -2.79 25.94 14.33
C GLU A 60 -3.43 26.08 15.70
N SER A 61 -4.01 25.00 16.21
CA SER A 61 -4.74 25.08 17.49
C SER A 61 -3.81 25.13 18.68
N LYS A 62 -4.26 25.81 19.74
CA LYS A 62 -3.59 25.78 21.02
C LYS A 62 -3.98 24.53 21.79
N ILE A 63 -5.26 24.17 21.72
CA ILE A 63 -5.77 23.01 22.44
C ILE A 63 -6.60 22.15 21.51
N VAL A 64 -6.39 20.83 21.59
CA VAL A 64 -7.32 19.92 20.95
C VAL A 64 -8.08 19.09 22.00
N LEU A 65 -9.39 19.05 21.87
CA LEU A 65 -10.18 18.09 22.64
C LEU A 65 -10.40 16.87 21.76
N ALA A 66 -9.75 15.76 22.12
CA ALA A 66 -9.94 14.52 21.38
C ALA A 66 -11.05 13.75 22.08
N ILE A 67 -12.24 13.80 21.52
CA ILE A 67 -13.40 13.16 22.13
C ILE A 67 -13.59 11.77 21.53
N PHE A 68 -13.10 10.76 22.24
CA PHE A 68 -13.28 9.37 21.83
C PHE A 68 -14.69 8.88 22.13
N SER A 69 -15.35 8.32 21.13
CA SER A 69 -16.63 7.64 21.32
C SER A 69 -16.66 6.40 20.44
N GLY A 70 -17.73 5.62 20.52
CA GLY A 70 -17.86 4.43 19.72
C GLY A 70 -17.73 4.64 18.21
N ASN A 71 -18.01 5.85 17.75
CA ASN A 71 -18.00 6.11 16.30
C ASN A 71 -16.66 6.62 15.80
N TYR A 72 -15.79 6.95 16.74
CA TYR A 72 -14.49 7.56 16.42
C TYR A 72 -13.67 6.69 15.46
N THR A 73 -13.65 5.39 15.72
CA THR A 73 -12.75 4.49 15.00
C THR A 73 -13.28 3.97 13.66
N GLU A 74 -14.53 4.31 13.34
CA GLU A 74 -15.11 3.93 12.05
C GLU A 74 -14.51 4.73 10.90
N SER A 75 -13.95 5.88 11.23
CA SER A 75 -13.47 6.83 10.24
C SER A 75 -11.94 6.79 10.11
N VAL A 76 -11.45 6.38 8.94
CA VAL A 76 -10.02 6.40 8.67
C VAL A 76 -9.49 7.85 8.80
N TRP A 77 -10.30 8.81 8.38
CA TRP A 77 -9.93 10.22 8.45
C TRP A 77 -9.81 10.68 9.89
N CYS A 78 -10.75 10.29 10.74
CA CYS A 78 -10.66 10.68 12.15
C CYS A 78 -9.38 10.10 12.79
N VAL A 79 -9.01 8.89 12.36
CA VAL A 79 -7.84 8.23 12.92
C VAL A 79 -6.56 8.91 12.47
N ARG A 80 -6.54 9.38 11.22
CA ARG A 80 -5.40 10.13 10.71
C ARG A 80 -5.26 11.49 11.40
N GLU A 81 -6.39 12.09 11.77
CA GLU A 81 -6.37 13.29 12.61
C GLU A 81 -5.73 13.01 13.97
N LEU A 82 -6.03 11.85 14.54
CA LEU A 82 -5.42 11.49 15.82
C LEU A 82 -3.90 11.38 15.67
N GLU A 83 -3.45 10.78 14.57
CA GLU A 83 -2.01 10.68 14.25
C GLU A 83 -1.36 12.05 14.32
N LYS A 84 -2.04 13.02 13.74
CA LYS A 84 -1.57 14.38 13.69
C LYS A 84 -1.58 14.99 15.09
N ILE A 85 -2.65 14.73 15.83
CA ILE A 85 -2.75 15.20 17.22
C ILE A 85 -1.55 14.72 18.01
N LYS A 86 -1.28 13.42 17.91
CA LYS A 86 -0.17 12.80 18.63
C LYS A 86 1.20 13.37 18.24
N ASP A 87 1.41 13.54 16.94
CA ASP A 87 2.67 14.12 16.47
C ASP A 87 2.87 15.52 17.06
N CYS A 88 1.80 16.32 17.04
CA CYS A 88 1.86 17.67 17.55
C CYS A 88 2.12 17.71 19.04
N THR A 89 1.48 16.80 19.77
CA THR A 89 1.66 16.77 21.22
C THR A 89 3.07 16.29 21.63
N ASP A 90 3.62 15.35 20.86
CA ASP A 90 4.95 14.84 21.12
C ASP A 90 5.98 15.95 20.96
N GLU A 91 5.82 16.73 19.90
CA GLU A 91 6.72 17.83 19.60
C GLU A 91 6.47 19.06 20.49
N GLY A 92 5.27 19.14 21.07
CA GLY A 92 4.95 20.20 22.02
C GLY A 92 4.36 21.48 21.43
N THR A 93 3.76 21.39 20.24
CA THR A 93 3.20 22.57 19.60
C THR A 93 1.74 22.80 19.94
N LEU A 94 1.11 21.83 20.61
CA LEU A 94 -0.26 21.98 21.06
C LEU A 94 -0.48 21.16 22.33
N VAL A 95 -1.57 21.46 23.01
CA VAL A 95 -1.98 20.73 24.21
C VAL A 95 -3.18 19.85 23.85
N ALA A 96 -3.12 18.56 24.17
CA ALA A 96 -4.27 17.68 23.93
C ALA A 96 -4.97 17.26 25.21
N ILE A 97 -6.30 17.31 25.19
CA ILE A 97 -7.10 16.81 26.30
C ILE A 97 -8.05 15.71 25.82
N PRO A 98 -7.72 14.44 26.14
CA PRO A 98 -8.59 13.33 25.75
C PRO A 98 -9.87 13.34 26.57
N ILE A 99 -11.00 13.20 25.87
CA ILE A 99 -12.29 13.10 26.50
C ILE A 99 -12.85 11.72 26.20
N PHE A 100 -13.24 10.97 27.22
CA PHE A 100 -13.77 9.62 27.01
C PHE A 100 -15.29 9.66 27.17
N TYR A 101 -15.98 9.68 26.04
CA TYR A 101 -17.43 9.84 26.05
C TYR A 101 -18.10 8.46 26.06
N LYS A 102 -18.64 8.06 27.22
CA LYS A 102 -19.28 6.76 27.46
C LYS A 102 -18.36 5.57 27.17
N LEU A 103 -17.07 5.75 27.41
CA LEU A 103 -16.15 4.63 27.38
C LEU A 103 -15.02 4.95 28.34
N GLU A 104 -14.25 3.93 28.73
CA GLU A 104 -13.10 4.07 29.63
C GLU A 104 -11.78 4.30 28.91
N PRO A 105 -10.81 4.95 29.58
CA PRO A 105 -9.46 5.09 29.00
C PRO A 105 -8.85 3.75 28.59
N SER A 106 -9.11 2.69 29.36
CA SER A 106 -8.61 1.36 29.02
C SER A 106 -9.19 0.84 27.72
N THR A 107 -10.46 1.16 27.45
CA THR A 107 -11.12 0.75 26.21
C THR A 107 -10.43 1.35 24.99
N VAL A 108 -9.95 2.57 25.14
CA VAL A 108 -9.25 3.26 24.07
C VAL A 108 -7.83 2.71 23.91
N ARG A 109 -7.10 2.64 25.01
CA ARG A 109 -5.71 2.20 24.98
C ARG A 109 -5.56 0.74 24.52
N ASP A 110 -6.53 -0.12 24.87
CA ASP A 110 -6.47 -1.52 24.48
C ASP A 110 -7.40 -1.88 23.33
N LEU A 111 -8.06 -0.88 22.78
CA LEU A 111 -8.99 -1.09 21.67
C LEU A 111 -10.01 -2.20 21.99
N LYS A 112 -10.79 -2.01 23.06
CA LYS A 112 -11.79 -2.97 23.49
C LYS A 112 -13.20 -2.63 22.94
N GLY A 113 -14.12 -3.59 23.02
CA GLY A 113 -15.51 -3.34 22.70
C GLY A 113 -15.81 -2.87 21.28
N LYS A 114 -16.88 -2.11 21.13
CA LYS A 114 -17.30 -1.60 19.83
C LYS A 114 -16.25 -0.65 19.27
N PHE A 115 -15.68 0.17 20.14
CA PHE A 115 -14.60 1.07 19.78
C PHE A 115 -13.49 0.29 19.06
N GLY A 116 -13.02 -0.77 19.70
CA GLY A 116 -11.98 -1.60 19.11
C GLY A 116 -12.42 -2.38 17.88
N ASP A 117 -13.58 -3.04 17.98
CA ASP A 117 -14.10 -3.83 16.86
C ASP A 117 -14.23 -2.99 15.60
N ARG A 118 -14.70 -1.76 15.75
CA ARG A 118 -14.84 -0.88 14.61
C ARG A 118 -13.49 -0.49 14.04
N PHE A 119 -12.53 -0.23 14.93
CA PHE A 119 -11.16 0.04 14.49
C PHE A 119 -10.61 -1.12 13.68
N ARG A 120 -10.75 -2.34 14.20
CA ARG A 120 -10.22 -3.51 13.50
C ARG A 120 -10.89 -3.73 12.16
N SER A 121 -12.19 -3.46 12.08
CA SER A 121 -12.89 -3.52 10.80
C SER A 121 -12.39 -2.46 9.79
N MET A 122 -12.27 -1.22 10.24
CA MET A 122 -11.79 -0.14 9.39
C MET A 122 -10.35 -0.34 8.89
N ALA A 123 -9.48 -0.80 9.78
CA ALA A 123 -8.04 -0.83 9.50
C ALA A 123 -7.51 -2.15 8.95
N LYS A 124 -8.42 -3.07 8.63
CA LYS A 124 -8.03 -4.37 8.07
C LYS A 124 -7.17 -4.19 6.82
N GLY A 125 -5.98 -4.77 6.83
CA GLY A 125 -5.13 -4.75 5.65
C GLY A 125 -4.35 -3.46 5.47
N ASP A 126 -4.64 -2.46 6.29
CA ASP A 126 -3.97 -1.17 6.17
C ASP A 126 -2.60 -1.20 6.86
N GLU A 127 -1.58 -0.83 6.10
CA GLU A 127 -0.20 -0.87 6.60
C GLU A 127 0.06 0.14 7.70
N ARG A 128 -0.85 1.10 7.87
CA ARG A 128 -0.72 2.11 8.90
C ARG A 128 -1.27 1.63 10.25
N LYS A 129 -1.81 0.41 10.27
CA LYS A 129 -2.53 -0.11 11.44
C LYS A 129 -1.72 -0.08 12.73
N LYS A 130 -0.47 -0.54 12.66
CA LYS A 130 0.37 -0.58 13.85
C LYS A 130 0.64 0.82 14.41
N LYS A 131 0.94 1.79 13.55
CA LYS A 131 1.17 3.17 14.03
C LYS A 131 -0.09 3.73 14.66
N TRP A 132 -1.24 3.44 14.06
CA TRP A 132 -2.52 3.85 14.64
C TRP A 132 -2.76 3.22 16.02
N LYS A 133 -2.50 1.93 16.16
CA LYS A 133 -2.69 1.29 17.47
C LYS A 133 -1.84 1.99 18.49
N GLU A 134 -0.63 2.37 18.10
CA GLU A 134 0.27 3.03 19.03
C GLU A 134 -0.25 4.40 19.45
N ALA A 135 -0.87 5.14 18.53
CA ALA A 135 -1.42 6.44 18.90
C ALA A 135 -2.54 6.26 19.92
N PHE A 136 -3.37 5.25 19.69
CA PHE A 136 -4.48 4.94 20.60
C PHE A 136 -4.01 4.41 21.96
N ASN A 137 -2.87 3.72 21.95
CA ASN A 137 -2.27 3.25 23.19
C ASN A 137 -1.73 4.39 24.03
N LEU A 138 -1.09 5.35 23.37
CA LEU A 138 -0.31 6.40 24.03
C LEU A 138 -1.13 7.65 24.43
N ILE A 139 -1.97 8.18 23.53
CA ILE A 139 -2.78 9.37 23.86
C ILE A 139 -3.47 9.31 25.25
N PRO A 140 -3.98 8.14 25.67
CA PRO A 140 -4.59 8.08 27.02
C PRO A 140 -3.57 8.20 28.16
N ASN A 141 -2.28 8.31 27.85
CA ASN A 141 -1.29 8.57 28.91
C ASN A 141 -1.33 10.04 29.31
N ILE A 142 -2.13 10.81 28.60
CA ILE A 142 -2.33 12.19 28.96
C ILE A 142 -3.59 12.21 29.78
N MET A 143 -3.57 12.94 30.89
CA MET A 143 -4.73 13.01 31.78
C MET A 143 -5.92 13.65 31.08
N GLY A 144 -7.06 12.98 31.16
CA GLY A 144 -8.25 13.43 30.46
C GLY A 144 -9.47 13.51 31.36
N ILE A 145 -10.64 13.67 30.74
CA ILE A 145 -11.92 13.77 31.44
C ILE A 145 -12.86 12.65 30.99
N ILE A 146 -13.43 11.92 31.96
CA ILE A 146 -14.28 10.77 31.63
C ILE A 146 -15.75 11.13 31.81
N ILE A 147 -16.54 10.88 30.77
CA ILE A 147 -17.98 11.02 30.88
C ILE A 147 -18.58 9.63 30.80
N ASP A 148 -19.05 9.12 31.93
CA ASP A 148 -19.59 7.79 31.85
C ASP A 148 -21.10 7.86 31.88
N LYS A 149 -21.72 6.69 31.83
CA LYS A 149 -23.16 6.55 31.73
C LYS A 149 -23.90 7.18 32.90
N LYS A 150 -23.22 7.36 34.02
CA LYS A 150 -23.86 7.93 35.20
C LYS A 150 -23.45 9.39 35.48
N SER A 151 -22.66 9.99 34.58
CA SER A 151 -22.23 11.38 34.77
C SER A 151 -23.36 12.38 34.53
N VAL A 152 -23.35 13.48 35.28
CA VAL A 152 -24.23 14.60 35.01
C VAL A 152 -23.53 15.42 33.90
N GLU A 153 -24.12 15.44 32.71
CA GLU A 153 -23.42 16.00 31.55
C GLU A 153 -23.06 17.49 31.71
N SER A 154 -23.96 18.28 32.31
CA SER A 154 -23.68 19.70 32.54
C SER A 154 -22.43 19.92 33.41
N GLU A 155 -22.27 19.07 34.43
CA GLU A 155 -21.10 19.10 35.29
C GLU A 155 -19.83 18.77 34.50
N LYS A 156 -19.90 17.77 33.61
CA LYS A 156 -18.78 17.44 32.75
C LYS A 156 -18.45 18.54 31.74
N VAL A 157 -19.46 19.22 31.21
CA VAL A 157 -19.20 20.35 30.34
C VAL A 157 -18.36 21.39 31.09
N ASN A 158 -18.77 21.69 32.33
CA ASN A 158 -18.06 22.65 33.18
C ASN A 158 -16.63 22.21 33.47
N GLU A 159 -16.45 20.90 33.66
CA GLU A 159 -15.13 20.35 33.90
C GLU A 159 -14.21 20.59 32.70
N ILE A 160 -14.73 20.38 31.49
CA ILE A 160 -13.93 20.53 30.29
C ILE A 160 -13.56 22.00 30.08
N VAL A 161 -14.54 22.90 30.28
CA VAL A 161 -14.33 24.33 30.13
C VAL A 161 -13.26 24.87 31.08
N LYS A 162 -13.29 24.43 32.33
CA LYS A 162 -12.27 24.80 33.30
C LYS A 162 -10.88 24.31 32.89
N ALA A 163 -10.80 23.11 32.34
CA ALA A 163 -9.51 22.59 31.89
C ALA A 163 -8.96 23.37 30.70
N VAL A 164 -9.84 23.74 29.78
CA VAL A 164 -9.44 24.48 28.59
C VAL A 164 -8.92 25.87 28.98
N LYS A 165 -9.62 26.50 29.91
CA LYS A 165 -9.19 27.83 30.38
C LYS A 165 -7.81 27.74 31.07
N THR A 166 -7.63 26.71 31.88
CA THR A 166 -6.34 26.51 32.54
C THR A 166 -5.23 26.33 31.54
N ALA A 167 -5.51 25.57 30.49
CA ALA A 167 -4.55 25.33 29.43
C ALA A 167 -4.28 26.61 28.64
N LEU A 168 -5.29 27.47 28.48
CA LEU A 168 -5.10 28.74 27.79
C LEU A 168 -4.30 29.75 28.61
N THR A 169 -4.50 29.72 29.93
CA THR A 169 -3.83 30.67 30.81
C THR A 169 -2.65 30.03 31.53
N GLN B 8 14.17 8.14 -11.15
CA GLN B 8 15.37 7.57 -11.76
C GLN B 8 16.57 7.56 -10.82
N HIS B 9 16.60 8.48 -9.85
CA HIS B 9 17.80 8.61 -9.03
C HIS B 9 17.65 8.01 -7.63
N GLN B 10 18.79 7.61 -7.07
CA GLN B 10 18.87 7.14 -5.69
C GLN B 10 19.50 8.20 -4.79
N VAL B 11 20.45 8.94 -5.36
CA VAL B 11 21.22 9.90 -4.59
C VAL B 11 21.05 11.35 -5.06
N PHE B 12 20.67 12.22 -4.12
CA PHE B 12 20.60 13.64 -4.36
C PHE B 12 21.87 14.27 -3.82
N ILE B 13 22.56 15.01 -4.67
CA ILE B 13 23.74 15.72 -4.23
C ILE B 13 23.45 17.19 -3.97
N ASN B 14 23.38 17.53 -2.70
CA ASN B 14 23.00 18.88 -2.23
C ASN B 14 24.22 19.76 -1.97
N PHE B 15 24.36 20.85 -2.73
CA PHE B 15 25.53 21.74 -2.58
C PHE B 15 25.31 23.05 -3.35
N ARG B 16 26.19 24.02 -3.18
CA ARG B 16 26.21 25.24 -3.98
C ARG B 16 27.63 25.53 -4.44
N GLY B 17 27.77 26.10 -5.64
CA GLY B 17 29.06 26.54 -6.15
C GLY B 17 29.50 25.96 -7.49
N ALA B 18 29.67 26.81 -8.50
CA ALA B 18 30.12 26.34 -9.81
C ALA B 18 31.53 25.74 -9.74
N ASP B 19 32.43 26.37 -8.98
CA ASP B 19 33.79 25.86 -8.85
C ASP B 19 33.78 24.46 -8.27
N LEU B 20 32.97 24.28 -7.23
CA LEU B 20 32.82 22.99 -6.61
C LEU B 20 32.26 21.99 -7.60
N ARG B 21 31.25 22.42 -8.36
CA ARG B 21 30.66 21.58 -9.40
C ARG B 21 31.69 21.10 -10.41
N ARG B 22 32.57 22.00 -10.84
CA ARG B 22 33.55 21.70 -11.88
C ARG B 22 34.76 20.91 -11.35
N ARG B 23 34.98 20.95 -10.04
CA ARG B 23 36.19 20.33 -9.51
C ARG B 23 35.84 19.07 -8.73
N PHE B 24 35.85 19.12 -7.40
CA PHE B 24 35.64 17.88 -6.62
C PHE B 24 34.35 17.14 -6.98
N VAL B 25 33.25 17.87 -7.11
CA VAL B 25 31.98 17.21 -7.41
C VAL B 25 31.98 16.53 -8.78
N SER B 26 32.69 17.07 -9.78
CA SER B 26 32.69 16.39 -11.07
C SER B 26 33.26 14.99 -10.92
N HIS B 27 34.32 14.88 -10.14
CA HIS B 27 34.98 13.60 -9.88
C HIS B 27 34.08 12.68 -9.07
N LEU B 28 33.37 13.26 -8.11
CA LEU B 28 32.48 12.49 -7.27
C LEU B 28 31.34 11.92 -8.09
N VAL B 29 30.72 12.76 -8.92
CA VAL B 29 29.61 12.31 -9.76
C VAL B 29 30.06 11.25 -10.76
N THR B 30 31.24 11.47 -11.34
CA THR B 30 31.80 10.48 -12.27
C THR B 30 31.98 9.12 -11.57
N ALA B 31 32.49 9.15 -10.36
CA ALA B 31 32.71 7.91 -9.62
C ALA B 31 31.40 7.21 -9.27
N LEU B 32 30.40 7.98 -8.87
CA LEU B 32 29.11 7.38 -8.50
C LEU B 32 28.48 6.71 -9.71
N LYS B 33 28.52 7.39 -10.86
CA LYS B 33 27.92 6.83 -12.07
C LYS B 33 28.69 5.59 -12.53
N LEU B 34 30.00 5.60 -12.34
CA LEU B 34 30.83 4.44 -12.66
C LEU B 34 30.48 3.23 -11.83
N ASN B 35 30.01 3.47 -10.62
CA ASN B 35 29.55 2.40 -9.74
C ASN B 35 28.05 2.22 -9.85
N ASN B 36 27.50 2.65 -10.98
CA ASN B 36 26.10 2.43 -11.31
C ASN B 36 25.11 3.04 -10.33
N ILE B 37 25.46 4.20 -9.80
CA ILE B 37 24.61 4.91 -8.86
C ILE B 37 23.99 6.11 -9.57
N ASN B 38 22.66 6.15 -9.64
CA ASN B 38 21.99 7.26 -10.31
C ASN B 38 21.84 8.45 -9.39
N VAL B 39 22.25 9.61 -9.88
CA VAL B 39 22.32 10.82 -9.05
C VAL B 39 21.49 11.97 -9.62
N PHE B 40 21.04 12.84 -8.74
CA PHE B 40 20.40 14.10 -9.13
C PHE B 40 21.27 15.24 -8.61
N ILE B 41 21.70 16.13 -9.49
CA ILE B 41 22.56 17.23 -9.08
C ILE B 41 21.72 18.43 -8.70
N ASP B 42 22.03 19.06 -7.58
CA ASP B 42 21.34 20.24 -7.07
C ASP B 42 21.39 21.43 -8.03
N ASP B 43 20.55 22.42 -7.78
CA ASP B 43 20.62 23.69 -8.52
C ASP B 43 21.80 24.51 -7.94
N TYR B 44 23.02 24.04 -8.22
CA TYR B 44 24.24 24.53 -7.56
C TYR B 44 24.59 25.99 -7.87
N GLU B 45 23.92 26.55 -8.88
CA GLU B 45 24.06 27.95 -9.27
C GLU B 45 22.83 28.79 -8.95
N ASP B 46 21.79 28.16 -8.42
CA ASP B 46 20.48 28.80 -8.27
C ASP B 46 20.03 29.48 -9.56
N ARG B 47 19.96 28.69 -10.64
CA ARG B 47 19.50 29.19 -11.94
C ARG B 47 17.99 29.35 -11.93
N GLY B 48 17.34 28.72 -10.96
CA GLY B 48 15.91 28.89 -10.82
C GLY B 48 15.07 27.66 -11.04
N GLN B 49 15.64 26.47 -10.80
CA GLN B 49 14.79 25.27 -10.74
C GLN B 49 13.78 25.52 -9.65
N PRO B 50 12.49 25.28 -9.94
CA PRO B 50 11.43 25.57 -8.97
C PRO B 50 11.71 24.84 -7.66
N LEU B 51 11.58 25.53 -6.52
CA LEU B 51 11.95 24.98 -5.22
C LEU B 51 11.15 23.72 -4.91
N ASP B 52 9.87 23.76 -5.28
CA ASP B 52 8.97 22.63 -5.08
C ASP B 52 9.44 21.39 -5.83
N VAL B 53 10.09 21.56 -6.98
CA VAL B 53 10.60 20.42 -7.70
C VAL B 53 11.82 19.84 -6.97
N LEU B 54 12.74 20.72 -6.59
CA LEU B 54 13.93 20.29 -5.85
C LEU B 54 13.56 19.54 -4.58
N LEU B 55 12.59 20.05 -3.83
CA LEU B 55 12.15 19.41 -2.59
C LEU B 55 11.53 18.04 -2.91
N LYS B 56 10.83 17.94 -4.03
CA LYS B 56 10.25 16.67 -4.43
C LYS B 56 11.33 15.64 -4.75
N ARG B 57 12.39 16.07 -5.43
CA ARG B 57 13.54 15.23 -5.70
C ARG B 57 14.22 14.71 -4.44
N ILE B 58 14.31 15.59 -3.44
CA ILE B 58 14.93 15.21 -2.17
C ILE B 58 14.11 14.12 -1.50
N GLU B 59 12.80 14.32 -1.41
CA GLU B 59 11.91 13.32 -0.83
C GLU B 59 11.94 11.96 -1.57
N GLU B 60 12.08 11.99 -2.89
CA GLU B 60 12.11 10.76 -3.68
C GLU B 60 13.44 10.03 -3.53
N SER B 61 14.39 10.69 -2.88
CA SER B 61 15.74 10.14 -2.72
C SER B 61 15.87 9.11 -1.61
N LYS B 62 16.75 8.14 -1.82
CA LYS B 62 17.11 7.20 -0.78
C LYS B 62 18.25 7.76 0.08
N ILE B 63 19.16 8.47 -0.57
CA ILE B 63 20.33 9.07 0.07
C ILE B 63 20.49 10.53 -0.36
N VAL B 64 20.77 11.42 0.59
CA VAL B 64 21.23 12.78 0.25
C VAL B 64 22.66 12.98 0.71
N LEU B 65 23.51 13.46 -0.20
CA LEU B 65 24.82 13.96 0.17
C LEU B 65 24.69 15.47 0.39
N ALA B 66 24.81 15.90 1.65
CA ALA B 66 24.78 17.32 1.98
C ALA B 66 26.20 17.83 2.01
N ILE B 67 26.63 18.47 0.93
CA ILE B 67 28.00 18.94 0.86
C ILE B 67 28.07 20.39 1.31
N PHE B 68 28.42 20.58 2.59
CA PHE B 68 28.61 21.91 3.15
C PHE B 68 29.91 22.55 2.69
N SER B 69 29.80 23.76 2.17
CA SER B 69 30.93 24.60 1.81
C SER B 69 30.63 26.04 2.18
N GLY B 70 31.60 26.92 1.97
CA GLY B 70 31.45 28.35 2.27
C GLY B 70 30.30 29.04 1.57
N ASN B 71 29.85 28.48 0.45
CA ASN B 71 28.80 29.10 -0.36
C ASN B 71 27.39 28.60 -0.05
N TYR B 72 27.30 27.55 0.75
CA TYR B 72 26.03 26.89 1.04
C TYR B 72 24.99 27.82 1.63
N THR B 73 25.44 28.64 2.58
CA THR B 73 24.54 29.47 3.36
C THR B 73 24.13 30.77 2.69
N GLU B 74 24.74 31.07 1.53
CA GLU B 74 24.36 32.28 0.80
C GLU B 74 23.00 32.14 0.13
N SER B 75 22.60 30.89 -0.07
CA SER B 75 21.38 30.58 -0.83
C SER B 75 20.21 30.22 0.08
N VAL B 76 19.15 31.03 0.05
CA VAL B 76 17.94 30.74 0.81
C VAL B 76 17.32 29.40 0.37
N TRP B 77 17.34 29.13 -0.94
CA TRP B 77 16.79 27.89 -1.45
C TRP B 77 17.59 26.68 -0.95
N CYS B 78 18.90 26.79 -0.97
CA CYS B 78 19.73 25.67 -0.48
C CYS B 78 19.42 25.40 1.00
N VAL B 79 19.18 26.46 1.77
CA VAL B 79 18.89 26.29 3.18
C VAL B 79 17.49 25.65 3.36
N ARG B 80 16.53 26.05 2.53
CA ARG B 80 15.23 25.42 2.58
C ARG B 80 15.26 23.95 2.12
N GLU B 81 16.17 23.61 1.21
CA GLU B 81 16.44 22.22 0.89
C GLU B 81 16.96 21.49 2.14
N LEU B 82 17.87 22.13 2.88
CA LEU B 82 18.42 21.53 4.09
C LEU B 82 17.34 21.28 5.12
N GLU B 83 16.44 22.24 5.29
CA GLU B 83 15.28 22.06 6.16
C GLU B 83 14.51 20.79 5.75
N LYS B 84 14.32 20.60 4.45
CA LYS B 84 13.58 19.45 3.97
C LYS B 84 14.37 18.16 4.23
N ILE B 85 15.66 18.22 3.93
CA ILE B 85 16.56 17.09 4.18
C ILE B 85 16.50 16.67 5.64
N LYS B 86 16.56 17.66 6.53
CA LYS B 86 16.50 17.43 7.98
C LYS B 86 15.20 16.75 8.39
N ASP B 87 14.08 17.26 7.88
CA ASP B 87 12.78 16.65 8.16
C ASP B 87 12.70 15.21 7.68
N CYS B 88 13.16 14.96 6.45
CA CYS B 88 13.10 13.61 5.91
C CYS B 88 13.98 12.65 6.70
N THR B 89 15.17 13.10 7.06
CA THR B 89 16.11 12.25 7.80
C THR B 89 15.65 12.04 9.26
N ASP B 90 15.00 13.05 9.85
CA ASP B 90 14.45 12.88 11.20
C ASP B 90 13.33 11.85 11.19
N GLU B 91 12.50 11.87 10.16
CA GLU B 91 11.41 10.89 10.04
C GLU B 91 11.92 9.49 9.67
N GLY B 92 13.12 9.41 9.10
CA GLY B 92 13.76 8.13 8.80
C GLY B 92 13.39 7.53 7.46
N THR B 93 12.91 8.39 6.56
CA THR B 93 12.50 7.99 5.21
C THR B 93 13.64 8.17 4.22
N LEU B 94 14.73 8.76 4.69
CA LEU B 94 15.88 9.01 3.83
C LEU B 94 17.15 8.93 4.66
N VAL B 95 18.27 8.71 3.97
CA VAL B 95 19.57 8.68 4.63
C VAL B 95 20.35 9.90 4.22
N ALA B 96 20.86 10.67 5.18
CA ALA B 96 21.68 11.83 4.85
C ALA B 96 23.13 11.55 5.20
N ILE B 97 24.04 11.88 4.28
CA ILE B 97 25.47 11.80 4.56
C ILE B 97 26.09 13.18 4.42
N PRO B 98 26.42 13.82 5.55
CA PRO B 98 27.05 15.15 5.51
C PRO B 98 28.50 15.11 5.03
N ILE B 99 28.85 15.97 4.08
CA ILE B 99 30.21 16.09 3.62
C ILE B 99 30.72 17.50 3.94
N PHE B 100 31.84 17.61 4.63
CA PHE B 100 32.35 18.91 5.01
C PHE B 100 33.52 19.29 4.13
N TYR B 101 33.24 20.16 3.16
CA TYR B 101 34.23 20.56 2.17
C TYR B 101 34.96 21.82 2.62
N LYS B 102 36.20 21.61 3.08
CA LYS B 102 37.06 22.69 3.56
C LYS B 102 36.43 23.46 4.72
N LEU B 103 35.68 22.76 5.56
CA LEU B 103 35.13 23.31 6.80
C LEU B 103 35.14 22.26 7.87
N GLU B 104 35.16 22.70 9.13
CA GLU B 104 35.03 21.77 10.24
C GLU B 104 33.56 21.59 10.51
N PRO B 105 33.19 20.38 10.96
CA PRO B 105 31.78 20.14 11.31
C PRO B 105 31.26 21.14 12.33
N SER B 106 32.11 21.57 13.28
CA SER B 106 31.67 22.53 14.30
C SER B 106 31.25 23.86 13.68
N THR B 107 31.94 24.26 12.62
CA THR B 107 31.59 25.49 11.90
C THR B 107 30.16 25.41 11.34
N VAL B 108 29.76 24.24 10.88
CA VAL B 108 28.41 24.08 10.33
C VAL B 108 27.32 24.06 11.41
N ARG B 109 27.44 23.15 12.38
CA ARG B 109 26.40 23.02 13.41
C ARG B 109 26.36 24.26 14.32
N ASP B 110 27.51 24.92 14.52
CA ASP B 110 27.51 26.10 15.39
C ASP B 110 27.44 27.38 14.57
N LEU B 111 27.34 27.23 13.24
CA LEU B 111 27.21 28.37 12.34
C LEU B 111 28.25 29.43 12.67
N LYS B 112 29.52 29.06 12.58
CA LYS B 112 30.62 29.97 12.89
C LYS B 112 31.20 30.61 11.63
N GLY B 113 31.98 31.66 11.82
CA GLY B 113 32.73 32.27 10.73
C GLY B 113 31.87 32.76 9.59
N LYS B 114 32.46 32.84 8.39
CA LYS B 114 31.73 33.36 7.22
C LYS B 114 30.53 32.47 6.86
N PHE B 115 30.68 31.15 7.03
CA PHE B 115 29.57 30.22 6.84
C PHE B 115 28.37 30.69 7.66
N GLY B 116 28.60 30.95 8.95
CA GLY B 116 27.54 31.48 9.80
C GLY B 116 27.09 32.89 9.45
N ASP B 117 28.06 33.77 9.22
CA ASP B 117 27.77 35.15 8.85
C ASP B 117 26.88 35.26 7.60
N ARG B 118 27.16 34.40 6.60
CA ARG B 118 26.39 34.39 5.37
C ARG B 118 24.99 33.88 5.66
N PHE B 119 24.88 32.89 6.54
CA PHE B 119 23.58 32.45 6.99
C PHE B 119 22.78 33.57 7.68
N ARG B 120 23.38 34.23 8.66
CA ARG B 120 22.66 35.24 9.45
C ARG B 120 22.22 36.41 8.59
N SER B 121 23.06 36.81 7.63
CA SER B 121 22.72 37.87 6.67
C SER B 121 21.55 37.48 5.76
N MET B 122 21.60 36.26 5.23
CA MET B 122 20.54 35.75 4.39
C MET B 122 19.21 35.68 5.17
N ALA B 123 19.27 35.20 6.40
CA ALA B 123 18.06 34.88 7.16
C ALA B 123 17.56 35.98 8.12
N LYS B 124 18.20 37.14 8.10
CA LYS B 124 17.82 38.26 8.96
C LYS B 124 16.36 38.71 8.78
N GLY B 125 15.61 38.74 9.88
CA GLY B 125 14.22 39.18 9.82
C GLY B 125 13.27 38.08 9.38
N ASP B 126 13.81 36.94 8.97
CA ASP B 126 12.99 35.79 8.55
C ASP B 126 12.51 34.97 9.74
N GLU B 127 11.21 34.73 9.79
CA GLU B 127 10.60 33.98 10.89
C GLU B 127 11.00 32.50 10.88
N ARG B 128 11.54 32.03 9.75
CA ARG B 128 11.94 30.64 9.64
C ARG B 128 13.35 30.41 10.18
N LYS B 129 14.01 31.50 10.59
CA LYS B 129 15.43 31.45 10.97
C LYS B 129 15.75 30.38 12.00
N LYS B 130 14.92 30.28 13.04
CA LYS B 130 15.15 29.33 14.12
C LYS B 130 15.11 27.87 13.66
N LYS B 131 14.13 27.53 12.82
CA LYS B 131 14.02 26.17 12.31
C LYS B 131 15.23 25.82 11.42
N TRP B 132 15.65 26.81 10.64
CA TRP B 132 16.81 26.64 9.79
C TRP B 132 18.07 26.36 10.61
N LYS B 133 18.26 27.13 11.69
CA LYS B 133 19.43 26.96 12.57
C LYS B 133 19.55 25.53 13.09
N GLU B 134 18.41 24.95 13.46
CA GLU B 134 18.35 23.59 13.99
C GLU B 134 18.74 22.55 12.94
N ALA B 135 18.37 22.81 11.69
CA ALA B 135 18.66 21.90 10.60
C ALA B 135 20.16 21.71 10.42
N PHE B 136 20.93 22.76 10.67
CA PHE B 136 22.38 22.69 10.45
C PHE B 136 23.06 21.64 11.36
N ASN B 137 22.51 21.41 12.55
CA ASN B 137 22.93 20.23 13.34
C ASN B 137 22.29 18.96 12.72
N LEU B 138 22.84 18.44 11.62
CA LEU B 138 22.07 17.50 10.79
C LEU B 138 21.98 16.06 11.27
N ILE B 139 23.11 15.41 11.51
CA ILE B 139 23.08 14.04 12.06
C ILE B 139 24.32 13.93 12.95
N PRO B 140 24.15 14.37 14.22
CA PRO B 140 25.24 14.44 15.21
C PRO B 140 25.74 13.12 15.77
N ASN B 141 25.09 11.99 15.50
CA ASN B 141 25.61 10.69 15.94
C ASN B 141 26.67 10.05 15.00
N ILE B 142 26.90 10.67 13.84
CA ILE B 142 28.03 10.35 12.95
C ILE B 142 28.94 11.56 12.73
N MET B 143 30.24 11.33 12.56
CA MET B 143 31.18 12.42 12.25
C MET B 143 30.83 13.08 10.90
N GLY B 144 30.60 12.24 9.88
CA GLY B 144 30.41 12.69 8.51
C GLY B 144 31.68 12.40 7.72
N ILE B 145 31.82 12.97 6.52
CA ILE B 145 33.05 12.82 5.77
C ILE B 145 33.67 14.19 5.64
N ILE B 146 34.90 14.34 6.11
CA ILE B 146 35.57 15.63 6.12
C ILE B 146 36.65 15.72 5.06
N ILE B 147 36.60 16.79 4.26
CA ILE B 147 37.68 17.08 3.31
C ILE B 147 38.41 18.36 3.70
N ASP B 148 39.68 18.24 4.12
CA ASP B 148 40.43 19.44 4.47
C ASP B 148 41.51 19.75 3.42
N LYS B 149 42.31 20.77 3.70
CA LYS B 149 43.34 21.26 2.81
C LYS B 149 44.39 20.19 2.49
N LYS B 150 44.53 19.21 3.37
CA LYS B 150 45.54 18.20 3.16
C LYS B 150 44.99 16.85 2.69
N SER B 151 43.68 16.78 2.41
CA SER B 151 43.06 15.54 1.99
C SER B 151 43.48 15.18 0.57
N VAL B 152 43.68 13.89 0.31
CA VAL B 152 43.86 13.42 -1.05
C VAL B 152 42.46 13.23 -1.64
N GLU B 153 42.11 14.06 -2.63
CA GLU B 153 40.71 14.12 -3.10
C GLU B 153 40.18 12.80 -3.67
N SER B 154 41.00 12.08 -4.43
CA SER B 154 40.58 10.78 -4.96
C SER B 154 40.21 9.82 -3.82
N GLU B 155 40.98 9.86 -2.75
CA GLU B 155 40.67 9.04 -1.59
C GLU B 155 39.33 9.43 -0.97
N LYS B 156 39.06 10.73 -0.87
CA LYS B 156 37.78 11.18 -0.30
C LYS B 156 36.61 10.78 -1.21
N VAL B 157 36.80 10.86 -2.53
CA VAL B 157 35.77 10.39 -3.45
C VAL B 157 35.42 8.93 -3.18
N ASN B 158 36.45 8.11 -3.04
CA ASN B 158 36.26 6.68 -2.75
C ASN B 158 35.53 6.47 -1.41
N GLU B 159 35.87 7.29 -0.42
CA GLU B 159 35.21 7.21 0.89
C GLU B 159 33.72 7.50 0.77
N ILE B 160 33.35 8.47 -0.05
CA ILE B 160 31.94 8.83 -0.21
C ILE B 160 31.19 7.72 -0.94
N VAL B 161 31.78 7.19 -2.00
CA VAL B 161 31.18 6.09 -2.79
C VAL B 161 30.93 4.83 -1.96
N LYS B 162 31.91 4.44 -1.15
CA LYS B 162 31.75 3.28 -0.26
C LYS B 162 30.62 3.51 0.76
N ALA B 163 30.52 4.71 1.29
CA ALA B 163 29.46 5.05 2.24
C ALA B 163 28.10 5.00 1.56
N VAL B 164 28.06 5.47 0.31
CA VAL B 164 26.83 5.47 -0.45
C VAL B 164 26.38 4.05 -0.74
N LYS B 165 27.32 3.21 -1.17
CA LYS B 165 27.00 1.82 -1.50
C LYS B 165 26.50 1.06 -0.27
N THR B 166 27.15 1.32 0.85
CA THR B 166 26.76 0.73 2.11
C THR B 166 25.34 1.13 2.51
N ALA B 167 25.02 2.39 2.28
CA ALA B 167 23.67 2.88 2.58
C ALA B 167 22.62 2.27 1.65
N LEU B 168 22.97 2.02 0.39
CA LEU B 168 22.04 1.44 -0.57
C LEU B 168 21.74 -0.04 -0.32
N THR B 169 22.75 -0.77 0.14
CA THR B 169 22.60 -2.19 0.39
C THR B 169 22.44 -2.53 1.88
N GLN C 8 -21.06 -33.32 -7.19
CA GLN C 8 -22.11 -33.53 -6.20
C GLN C 8 -23.26 -32.52 -6.38
N HIS C 9 -22.93 -31.33 -6.91
CA HIS C 9 -23.91 -30.29 -7.21
C HIS C 9 -24.02 -30.05 -8.72
N GLN C 10 -25.18 -29.60 -9.20
CA GLN C 10 -25.33 -29.20 -10.60
C GLN C 10 -25.40 -27.68 -10.74
N VAL C 11 -26.01 -27.04 -9.75
CA VAL C 11 -26.23 -25.60 -9.78
C VAL C 11 -25.51 -24.87 -8.66
N PHE C 12 -24.70 -23.87 -9.01
CA PHE C 12 -24.07 -22.99 -8.05
C PHE C 12 -24.90 -21.71 -7.94
N ILE C 13 -25.31 -21.35 -6.73
CA ILE C 13 -26.04 -20.09 -6.58
C ILE C 13 -25.13 -19.01 -6.00
N ASN C 14 -24.73 -18.09 -6.88
CA ASN C 14 -23.75 -17.05 -6.58
C ASN C 14 -24.44 -15.77 -6.13
N PHE C 15 -24.18 -15.36 -4.89
CA PHE C 15 -24.80 -14.15 -4.35
C PHE C 15 -24.20 -13.74 -3.00
N ARG C 16 -24.60 -12.56 -2.51
CA ARG C 16 -24.28 -12.12 -1.15
C ARG C 16 -25.52 -11.57 -0.47
N GLY C 17 -25.58 -11.74 0.85
CA GLY C 17 -26.65 -11.16 1.65
C GLY C 17 -27.40 -12.18 2.49
N ALA C 18 -27.30 -12.02 3.81
CA ALA C 18 -27.98 -12.91 4.74
C ALA C 18 -29.50 -12.79 4.60
N ASP C 19 -30.01 -11.57 4.43
CA ASP C 19 -31.44 -11.39 4.23
C ASP C 19 -31.90 -12.09 2.95
N LEU C 20 -31.13 -11.89 1.87
CA LEU C 20 -31.44 -12.53 0.60
C LEU C 20 -31.47 -14.05 0.76
N ARG C 21 -30.48 -14.60 1.48
CA ARG C 21 -30.46 -16.03 1.80
C ARG C 21 -31.73 -16.48 2.51
N ARG C 22 -32.19 -15.69 3.48
CA ARG C 22 -33.32 -16.11 4.29
C ARG C 22 -34.67 -15.92 3.60
N ARG C 23 -34.73 -15.05 2.60
CA ARG C 23 -36.01 -14.73 1.98
C ARG C 23 -36.05 -15.32 0.56
N PHE C 24 -35.87 -14.52 -0.49
CA PHE C 24 -36.09 -15.04 -1.85
C PHE C 24 -35.29 -16.32 -2.19
N VAL C 25 -34.03 -16.37 -1.80
CA VAL C 25 -33.18 -17.54 -2.09
C VAL C 25 -33.65 -18.82 -1.39
N SER C 26 -34.19 -18.72 -0.17
CA SER C 26 -34.67 -19.93 0.52
C SER C 26 -35.77 -20.58 -0.30
N HIS C 27 -36.65 -19.76 -0.86
CA HIS C 27 -37.73 -20.27 -1.69
C HIS C 27 -37.18 -20.87 -2.97
N LEU C 28 -36.16 -20.22 -3.53
CA LEU C 28 -35.57 -20.70 -4.78
C LEU C 28 -34.89 -22.06 -4.58
N VAL C 29 -34.14 -22.17 -3.49
CA VAL C 29 -33.46 -23.42 -3.17
C VAL C 29 -34.47 -24.54 -2.90
N THR C 30 -35.53 -24.23 -2.18
CA THR C 30 -36.58 -25.20 -1.91
C THR C 30 -37.20 -25.73 -3.20
N ALA C 31 -37.46 -24.82 -4.14
CA ALA C 31 -38.06 -25.22 -5.40
C ALA C 31 -37.09 -26.07 -6.24
N LEU C 32 -35.82 -25.71 -6.22
CA LEU C 32 -34.85 -26.48 -6.98
C LEU C 32 -34.70 -27.90 -6.42
N LYS C 33 -34.68 -28.03 -5.09
CA LYS C 33 -34.53 -29.35 -4.46
C LYS C 33 -35.78 -30.22 -4.70
N LEU C 34 -36.92 -29.54 -4.76
CA LEU C 34 -38.19 -30.17 -5.05
C LEU C 34 -38.14 -30.80 -6.46
N ASN C 35 -37.31 -30.23 -7.34
CA ASN C 35 -37.10 -30.82 -8.67
C ASN C 35 -35.84 -31.68 -8.75
N ASN C 36 -35.38 -32.11 -7.58
CA ASN C 36 -34.25 -33.02 -7.46
C ASN C 36 -32.98 -32.45 -8.06
N ILE C 37 -32.81 -31.13 -7.97
CA ILE C 37 -31.60 -30.48 -8.48
C ILE C 37 -30.72 -30.11 -7.30
N ASN C 38 -29.50 -30.67 -7.30
CA ASN C 38 -28.56 -30.43 -6.21
C ASN C 38 -27.89 -29.08 -6.39
N VAL C 39 -27.84 -28.33 -5.30
CA VAL C 39 -27.40 -26.95 -5.33
C VAL C 39 -26.19 -26.70 -4.40
N PHE C 40 -25.34 -25.77 -4.78
CA PHE C 40 -24.29 -25.30 -3.89
C PHE C 40 -24.56 -23.85 -3.55
N ILE C 41 -24.68 -23.53 -2.27
CA ILE C 41 -24.93 -22.17 -1.86
C ILE C 41 -23.60 -21.44 -1.64
N ASP C 42 -23.50 -20.23 -2.17
CA ASP C 42 -22.31 -19.38 -2.03
C ASP C 42 -22.00 -19.03 -0.58
N ASP C 43 -20.79 -18.53 -0.34
CA ASP C 43 -20.43 -17.99 0.96
C ASP C 43 -21.08 -16.62 1.08
N TYR C 44 -22.40 -16.60 1.24
CA TYR C 44 -23.20 -15.38 1.10
C TYR C 44 -22.91 -14.34 2.19
N GLU C 45 -22.25 -14.78 3.26
CA GLU C 45 -21.86 -13.91 4.36
C GLU C 45 -20.37 -13.64 4.40
N ASP C 46 -19.62 -14.21 3.46
CA ASP C 46 -18.14 -14.20 3.53
C ASP C 46 -17.63 -14.61 4.92
N ARG C 47 -18.03 -15.80 5.36
CA ARG C 47 -17.58 -16.29 6.65
C ARG C 47 -16.12 -16.72 6.55
N GLY C 48 -15.66 -16.94 5.32
CA GLY C 48 -14.28 -17.32 5.10
C GLY C 48 -14.04 -18.69 4.47
N GLN C 49 -14.99 -19.20 3.68
CA GLN C 49 -14.66 -20.36 2.83
C GLN C 49 -13.49 -19.99 1.94
N PRO C 50 -12.49 -20.87 1.83
CA PRO C 50 -11.32 -20.56 1.00
C PRO C 50 -11.77 -20.24 -0.44
N LEU C 51 -11.22 -19.19 -1.04
CA LEU C 51 -11.68 -18.80 -2.37
C LEU C 51 -11.47 -19.94 -3.37
N ASP C 52 -10.36 -20.67 -3.23
CA ASP C 52 -10.09 -21.79 -4.12
C ASP C 52 -11.13 -22.91 -4.06
N VAL C 53 -11.77 -23.09 -2.91
CA VAL C 53 -12.83 -24.08 -2.81
C VAL C 53 -14.02 -23.57 -3.62
N LEU C 54 -14.37 -22.31 -3.39
CA LEU C 54 -15.47 -21.67 -4.10
C LEU C 54 -15.26 -21.71 -5.63
N LEU C 55 -14.06 -21.36 -6.06
CA LEU C 55 -13.77 -21.35 -7.48
C LEU C 55 -13.87 -22.75 -8.08
N LYS C 56 -13.43 -23.76 -7.33
CA LYS C 56 -13.48 -25.14 -7.81
C LYS C 56 -14.94 -25.62 -7.91
N ARG C 57 -15.75 -25.28 -6.91
CA ARG C 57 -17.18 -25.58 -6.97
C ARG C 57 -17.85 -24.91 -8.17
N ILE C 58 -17.43 -23.69 -8.48
CA ILE C 58 -18.00 -22.98 -9.63
C ILE C 58 -17.63 -23.75 -10.89
N GLU C 59 -16.36 -24.12 -10.94
CA GLU C 59 -15.78 -24.86 -12.04
C GLU C 59 -16.52 -26.16 -12.31
N GLU C 60 -16.90 -26.85 -11.23
CA GLU C 60 -17.57 -28.15 -11.36
C GLU C 60 -19.05 -28.03 -11.70
N SER C 61 -19.58 -26.82 -11.69
CA SER C 61 -21.02 -26.62 -11.91
C SER C 61 -21.43 -26.70 -13.38
N LYS C 62 -22.65 -27.16 -13.62
CA LYS C 62 -23.22 -27.11 -14.97
C LYS C 62 -23.85 -25.75 -15.20
N ILE C 63 -24.49 -25.24 -14.15
CA ILE C 63 -25.13 -23.93 -14.18
C ILE C 63 -24.75 -23.05 -12.98
N VAL C 64 -24.49 -21.78 -13.23
CA VAL C 64 -24.38 -20.80 -12.16
C VAL C 64 -25.53 -19.78 -12.26
N LEU C 65 -26.23 -19.58 -11.15
CA LEU C 65 -27.18 -18.48 -11.03
C LEU C 65 -26.39 -17.29 -10.45
N ALA C 66 -26.21 -16.25 -11.25
CA ALA C 66 -25.55 -15.06 -10.77
C ALA C 66 -26.60 -14.07 -10.30
N ILE C 67 -26.82 -14.04 -9.00
CA ILE C 67 -27.85 -13.17 -8.45
C ILE C 67 -27.22 -11.85 -8.02
N PHE C 68 -27.30 -10.85 -8.91
CA PHE C 68 -26.83 -9.51 -8.60
C PHE C 68 -27.80 -8.77 -7.69
N SER C 69 -27.25 -8.20 -6.62
CA SER C 69 -27.99 -7.34 -5.71
C SER C 69 -27.10 -6.14 -5.30
N GLY C 70 -27.66 -5.20 -4.53
CA GLY C 70 -26.89 -4.06 -4.09
C GLY C 70 -25.63 -4.38 -3.30
N ASN C 71 -25.61 -5.54 -2.66
CA ASN C 71 -24.50 -5.94 -1.79
C ASN C 71 -23.39 -6.73 -2.48
N TYR C 72 -23.65 -7.14 -3.71
CA TYR C 72 -22.75 -8.04 -4.44
C TYR C 72 -21.34 -7.48 -4.59
N THR C 73 -21.24 -6.19 -4.92
CA THR C 73 -19.95 -5.61 -5.28
C THR C 73 -19.09 -5.14 -4.10
N GLU C 74 -19.62 -5.20 -2.88
CA GLU C 74 -18.86 -4.84 -1.68
C GLU C 74 -17.79 -5.91 -1.36
N SER C 75 -18.02 -7.12 -1.86
CA SER C 75 -17.19 -8.27 -1.54
C SER C 75 -16.18 -8.56 -2.63
N VAL C 76 -14.90 -8.41 -2.31
CA VAL C 76 -13.87 -8.76 -3.29
C VAL C 76 -14.00 -10.24 -3.65
N TRP C 77 -14.37 -11.07 -2.69
CA TRP C 77 -14.44 -12.50 -2.93
C TRP C 77 -15.53 -12.85 -3.94
N CYS C 78 -16.69 -12.24 -3.77
CA CYS C 78 -17.79 -12.45 -4.70
C CYS C 78 -17.44 -11.98 -6.13
N VAL C 79 -16.69 -10.89 -6.21
CA VAL C 79 -16.30 -10.35 -7.51
C VAL C 79 -15.27 -11.26 -8.20
N ARG C 80 -14.34 -11.83 -7.44
CA ARG C 80 -13.40 -12.80 -8.01
C ARG C 80 -14.11 -14.10 -8.43
N GLU C 81 -15.18 -14.47 -7.71
CA GLU C 81 -16.02 -15.57 -8.16
C GLU C 81 -16.65 -15.22 -9.51
N LEU C 82 -17.12 -13.99 -9.67
CA LEU C 82 -17.73 -13.57 -10.93
C LEU C 82 -16.75 -13.66 -12.08
N GLU C 83 -15.52 -13.24 -11.83
CA GLU C 83 -14.42 -13.35 -12.79
C GLU C 83 -14.30 -14.79 -13.29
N LYS C 84 -14.38 -15.73 -12.36
CA LYS C 84 -14.27 -17.14 -12.68
C LYS C 84 -15.50 -17.61 -13.46
N ILE C 85 -16.67 -17.19 -13.02
CA ILE C 85 -17.93 -17.50 -13.73
C ILE C 85 -17.85 -16.98 -15.18
N LYS C 86 -17.39 -15.75 -15.33
CA LYS C 86 -17.28 -15.12 -16.65
C LYS C 86 -16.32 -15.87 -17.58
N ASP C 87 -15.16 -16.24 -17.05
CA ASP C 87 -14.19 -17.00 -17.82
C ASP C 87 -14.79 -18.34 -18.25
N CYS C 88 -15.48 -19.02 -17.32
CA CYS C 88 -16.08 -20.32 -17.61
C CYS C 88 -17.19 -20.22 -18.65
N THR C 89 -18.04 -19.20 -18.55
CA THR C 89 -19.12 -19.05 -19.53
C THR C 89 -18.59 -18.63 -20.90
N ASP C 90 -17.53 -17.83 -20.91
CA ASP C 90 -16.91 -17.44 -22.17
C ASP C 90 -16.31 -18.68 -22.86
N GLU C 91 -15.65 -19.53 -22.09
CA GLU C 91 -15.05 -20.76 -22.62
C GLU C 91 -16.10 -21.81 -22.95
N GLY C 92 -17.29 -21.67 -22.36
CA GLY C 92 -18.40 -22.53 -22.70
C GLY C 92 -18.46 -23.82 -21.90
N THR C 93 -17.82 -23.84 -20.74
CA THR C 93 -17.83 -25.05 -19.92
C THR C 93 -18.97 -25.06 -18.91
N LEU C 94 -19.69 -23.95 -18.78
CA LEU C 94 -20.87 -23.88 -17.91
C LEU C 94 -21.86 -22.87 -18.46
N VAL C 95 -23.09 -22.91 -17.95
CA VAL C 95 -24.16 -21.98 -18.33
C VAL C 95 -24.41 -20.97 -17.23
N ALA C 96 -24.45 -19.68 -17.57
CA ALA C 96 -24.77 -18.65 -16.58
C ALA C 96 -26.15 -18.07 -16.80
N ILE C 97 -26.91 -17.95 -15.72
CA ILE C 97 -28.19 -17.29 -15.80
C ILE C 97 -28.12 -16.11 -14.85
N PRO C 98 -28.06 -14.90 -15.40
CA PRO C 98 -28.03 -13.71 -14.57
C PRO C 98 -29.38 -13.42 -13.95
N ILE C 99 -29.41 -13.20 -12.65
CA ILE C 99 -30.62 -12.79 -11.96
C ILE C 99 -30.42 -11.40 -11.37
N PHE C 100 -31.30 -10.48 -11.72
CA PHE C 100 -31.17 -9.12 -11.25
C PHE C 100 -32.17 -8.84 -10.15
N TYR C 101 -31.67 -8.86 -8.93
CA TYR C 101 -32.54 -8.72 -7.77
C TYR C 101 -32.63 -7.23 -7.35
N LYS C 102 -33.75 -6.61 -7.67
CA LYS C 102 -34.00 -5.19 -7.35
C LYS C 102 -32.95 -4.25 -7.96
N LEU C 103 -32.47 -4.58 -9.16
CA LEU C 103 -31.58 -3.70 -9.89
C LEU C 103 -31.88 -3.81 -11.36
N GLU C 104 -31.50 -2.79 -12.12
CA GLU C 104 -31.68 -2.84 -13.57
C GLU C 104 -30.43 -3.51 -14.13
N PRO C 105 -30.60 -4.28 -15.22
CA PRO C 105 -29.43 -4.90 -15.86
C PRO C 105 -28.35 -3.91 -16.27
N SER C 106 -28.76 -2.72 -16.72
CA SER C 106 -27.81 -1.70 -17.15
C SER C 106 -26.94 -1.22 -15.98
N THR C 107 -27.50 -1.21 -14.78
CA THR C 107 -26.74 -0.83 -13.59
C THR C 107 -25.57 -1.79 -13.32
N VAL C 108 -25.79 -3.07 -13.63
CA VAL C 108 -24.78 -4.09 -13.44
C VAL C 108 -23.67 -4.05 -14.49
N ARG C 109 -24.04 -4.15 -15.76
CA ARG C 109 -23.04 -4.18 -16.83
C ARG C 109 -22.27 -2.87 -16.95
N ASP C 110 -22.89 -1.75 -16.62
CA ASP C 110 -22.21 -0.47 -16.70
C ASP C 110 -21.74 0.04 -15.33
N LEU C 111 -21.95 -0.76 -14.28
CA LEU C 111 -21.53 -0.41 -12.92
C LEU C 111 -21.99 1.01 -12.53
N LYS C 112 -23.30 1.19 -12.54
CA LYS C 112 -23.90 2.48 -12.20
C LYS C 112 -24.32 2.54 -10.74
N GLY C 113 -24.64 3.74 -10.25
CA GLY C 113 -25.21 3.92 -8.93
C GLY C 113 -24.35 3.41 -7.79
N LYS C 114 -25.01 3.06 -6.69
CA LYS C 114 -24.36 2.53 -5.51
C LYS C 114 -23.68 1.19 -5.80
N PHE C 115 -24.35 0.34 -6.60
CA PHE C 115 -23.75 -0.92 -7.08
C PHE C 115 -22.36 -0.63 -7.61
N GLY C 116 -22.28 0.38 -8.48
CA GLY C 116 -21.02 0.81 -9.06
C GLY C 116 -20.02 1.45 -8.10
N ASP C 117 -20.49 2.36 -7.24
CA ASP C 117 -19.64 3.00 -6.24
C ASP C 117 -18.92 1.99 -5.33
N ARG C 118 -19.66 0.96 -4.95
CA ARG C 118 -19.18 -0.08 -4.05
C ARG C 118 -18.12 -0.92 -4.72
N PHE C 119 -18.33 -1.22 -5.99
CA PHE C 119 -17.32 -1.90 -6.74
C PHE C 119 -16.03 -1.07 -6.78
N ARG C 120 -16.14 0.21 -7.16
CA ARG C 120 -14.94 1.03 -7.34
C ARG C 120 -14.18 1.24 -6.02
N SER C 121 -14.93 1.39 -4.94
CA SER C 121 -14.33 1.47 -3.61
C SER C 121 -13.59 0.19 -3.24
N MET C 122 -14.23 -0.94 -3.47
CA MET C 122 -13.61 -2.22 -3.18
C MET C 122 -12.33 -2.43 -3.99
N ALA C 123 -12.37 -2.12 -5.28
CA ALA C 123 -11.27 -2.49 -6.19
C ALA C 123 -10.23 -1.40 -6.45
N LYS C 124 -10.33 -0.28 -5.73
CA LYS C 124 -9.40 0.81 -5.94
C LYS C 124 -7.97 0.32 -5.74
N GLY C 125 -7.13 0.55 -6.75
CA GLY C 125 -5.73 0.18 -6.69
C GLY C 125 -5.41 -1.27 -7.06
N ASP C 126 -6.42 -2.11 -7.17
CA ASP C 126 -6.18 -3.50 -7.59
C ASP C 126 -6.07 -3.54 -9.11
N GLU C 127 -4.99 -4.09 -9.63
CA GLU C 127 -4.79 -4.13 -11.09
C GLU C 127 -5.76 -5.07 -11.83
N ARG C 128 -6.49 -5.90 -11.08
CA ARG C 128 -7.48 -6.78 -11.68
C ARG C 128 -8.80 -6.06 -11.94
N LYS C 129 -8.86 -4.77 -11.60
CA LYS C 129 -10.09 -3.98 -11.73
C LYS C 129 -10.69 -4.01 -13.15
N LYS C 130 -9.84 -3.84 -14.16
CA LYS C 130 -10.32 -3.83 -15.53
C LYS C 130 -10.95 -5.18 -15.93
N LYS C 131 -10.30 -6.28 -15.58
CA LYS C 131 -10.87 -7.59 -15.88
C LYS C 131 -12.15 -7.84 -15.07
N TRP C 132 -12.16 -7.43 -13.82
CA TRP C 132 -13.38 -7.54 -13.02
C TRP C 132 -14.52 -6.74 -13.64
N LYS C 133 -14.26 -5.52 -14.07
CA LYS C 133 -15.30 -4.68 -14.69
C LYS C 133 -15.97 -5.39 -15.87
N GLU C 134 -15.14 -6.03 -16.69
CA GLU C 134 -15.59 -6.74 -17.88
C GLU C 134 -16.50 -7.91 -17.56
N ALA C 135 -16.25 -8.58 -16.43
CA ALA C 135 -17.04 -9.74 -16.03
C ALA C 135 -18.51 -9.40 -15.78
N PHE C 136 -18.77 -8.18 -15.33
CA PHE C 136 -20.15 -7.76 -15.01
C PHE C 136 -21.06 -7.80 -16.23
N ASN C 137 -20.49 -7.55 -17.41
CA ASN C 137 -21.21 -7.82 -18.64
C ASN C 137 -21.18 -9.33 -18.92
N LEU C 138 -21.99 -10.09 -18.20
CA LEU C 138 -21.79 -11.53 -18.12
C LEU C 138 -22.24 -12.35 -19.34
N ILE C 139 -23.49 -12.19 -19.78
CA ILE C 139 -23.95 -12.89 -20.97
C ILE C 139 -24.98 -12.01 -21.69
N PRO C 140 -24.47 -11.07 -22.51
CA PRO C 140 -25.34 -10.08 -23.16
C PRO C 140 -26.27 -10.56 -24.27
N ASN C 141 -26.19 -11.80 -24.76
CA ASN C 141 -27.18 -12.16 -25.78
C ASN C 141 -28.51 -12.61 -25.15
N ILE C 142 -28.57 -12.74 -23.84
CA ILE C 142 -29.85 -12.97 -23.15
C ILE C 142 -30.23 -11.84 -22.19
N MET C 143 -31.52 -11.62 -22.02
CA MET C 143 -31.97 -10.62 -21.06
C MET C 143 -31.59 -10.99 -19.62
N GLY C 144 -31.85 -12.24 -19.24
CA GLY C 144 -31.67 -12.68 -17.86
C GLY C 144 -33.01 -12.62 -17.14
N ILE C 145 -33.01 -12.77 -15.83
CA ILE C 145 -34.27 -12.73 -15.11
C ILE C 145 -34.28 -11.53 -14.21
N ILE C 146 -35.32 -10.71 -14.34
CA ILE C 146 -35.42 -9.45 -13.58
C ILE C 146 -36.42 -9.54 -12.41
N ILE C 147 -35.96 -9.20 -11.21
CA ILE C 147 -36.86 -9.10 -10.04
C ILE C 147 -36.95 -7.65 -9.55
N ASP C 148 -38.09 -7.01 -9.77
CA ASP C 148 -38.26 -5.63 -9.32
C ASP C 148 -39.24 -5.53 -8.16
N LYS C 149 -39.51 -4.29 -7.74
CA LYS C 149 -40.41 -4.03 -6.62
C LYS C 149 -41.82 -4.55 -6.81
N LYS C 150 -42.24 -4.75 -8.06
CA LYS C 150 -43.61 -5.20 -8.30
C LYS C 150 -43.68 -6.66 -8.69
N SER C 151 -42.55 -7.36 -8.65
CA SER C 151 -42.55 -8.76 -9.07
C SER C 151 -43.27 -9.63 -8.05
N VAL C 152 -44.00 -10.63 -8.55
CA VAL C 152 -44.54 -11.66 -7.69
C VAL C 152 -43.42 -12.68 -7.52
N GLU C 153 -42.87 -12.78 -6.31
CA GLU C 153 -41.66 -13.57 -6.11
C GLU C 153 -41.86 -15.05 -6.44
N SER C 154 -43.01 -15.63 -6.08
CA SER C 154 -43.26 -17.02 -6.40
C SER C 154 -43.17 -17.27 -7.91
N GLU C 155 -43.70 -16.34 -8.70
CA GLU C 155 -43.62 -16.42 -10.15
C GLU C 155 -42.16 -16.33 -10.64
N LYS C 156 -41.37 -15.45 -10.05
CA LYS C 156 -39.95 -15.35 -10.39
C LYS C 156 -39.15 -16.61 -10.04
N VAL C 157 -39.46 -17.24 -8.90
CA VAL C 157 -38.85 -18.53 -8.57
C VAL C 157 -39.13 -19.56 -9.66
N ASN C 158 -40.39 -19.63 -10.12
CA ASN C 158 -40.80 -20.54 -11.18
C ASN C 158 -40.07 -20.26 -12.50
N GLU C 159 -39.90 -18.99 -12.82
CA GLU C 159 -39.17 -18.56 -14.00
C GLU C 159 -37.69 -19.03 -13.96
N ILE C 160 -37.06 -18.93 -12.79
CA ILE C 160 -35.67 -19.35 -12.64
C ILE C 160 -35.57 -20.87 -12.78
N VAL C 161 -36.47 -21.58 -12.11
CA VAL C 161 -36.53 -23.03 -12.17
C VAL C 161 -36.77 -23.57 -13.58
N LYS C 162 -37.69 -22.95 -14.31
CA LYS C 162 -37.91 -23.32 -15.69
C LYS C 162 -36.67 -23.07 -16.54
N ALA C 163 -35.99 -21.95 -16.30
CA ALA C 163 -34.76 -21.65 -17.03
C ALA C 163 -33.64 -22.64 -16.70
N VAL C 164 -33.56 -23.04 -15.43
CA VAL C 164 -32.53 -24.00 -15.02
C VAL C 164 -32.78 -25.36 -15.67
N LYS C 165 -34.03 -25.80 -15.60
CA LYS C 165 -34.40 -27.10 -16.15
C LYS C 165 -34.17 -27.11 -17.66
N THR C 166 -34.50 -26.02 -18.33
CA THR C 166 -34.25 -25.91 -19.77
C THR C 166 -32.76 -26.04 -20.10
N ALA C 167 -31.91 -25.41 -19.31
CA ALA C 167 -30.46 -25.46 -19.50
C ALA C 167 -29.85 -26.83 -19.18
N LEU C 168 -30.42 -27.52 -18.20
CA LEU C 168 -29.91 -28.82 -17.76
C LEU C 168 -30.12 -29.89 -18.83
N THR C 169 -31.09 -29.69 -19.72
CA THR C 169 -31.37 -30.67 -20.77
C THR C 169 -30.67 -30.29 -22.08
N GLN D 8 14.80 -5.89 2.85
CA GLN D 8 16.24 -6.02 2.67
C GLN D 8 16.63 -6.35 1.22
N HIS D 9 15.77 -7.07 0.53
CA HIS D 9 16.01 -7.40 -0.85
C HIS D 9 14.97 -6.69 -1.71
N GLN D 10 15.32 -6.37 -2.95
CA GLN D 10 14.35 -5.81 -3.88
C GLN D 10 13.87 -6.88 -4.86
N VAL D 11 14.79 -7.77 -5.21
CA VAL D 11 14.57 -8.75 -6.26
C VAL D 11 14.60 -10.16 -5.69
N PHE D 12 13.55 -10.93 -5.98
CA PHE D 12 13.50 -12.36 -5.68
C PHE D 12 13.74 -13.15 -6.96
N ILE D 13 14.71 -14.05 -6.94
CA ILE D 13 14.97 -14.88 -8.11
C ILE D 13 14.42 -16.30 -7.91
N ASN D 14 13.30 -16.58 -8.59
CA ASN D 14 12.55 -17.83 -8.46
C ASN D 14 12.98 -18.85 -9.52
N PHE D 15 13.54 -19.97 -9.08
CA PHE D 15 14.04 -21.03 -9.99
C PHE D 15 14.36 -22.33 -9.26
N ARG D 16 14.66 -23.37 -10.04
CA ARG D 16 15.19 -24.62 -9.47
C ARG D 16 16.41 -25.07 -10.27
N GLY D 17 17.35 -25.72 -9.58
CA GLY D 17 18.49 -26.31 -10.24
C GLY D 17 19.82 -25.80 -9.73
N ALA D 18 20.63 -26.70 -9.17
CA ALA D 18 21.95 -26.35 -8.65
C ALA D 18 22.87 -25.88 -9.78
N ASP D 19 22.81 -26.53 -10.93
CA ASP D 19 23.65 -26.14 -12.05
CA ASP D 19 23.63 -26.14 -12.08
C ASP D 19 23.27 -24.73 -12.54
N LEU D 20 21.98 -24.46 -12.61
CA LEU D 20 21.50 -23.14 -12.98
C LEU D 20 21.99 -22.12 -11.97
N ARG D 21 21.88 -22.45 -10.69
CA ARG D 21 22.37 -21.58 -9.63
C ARG D 21 23.85 -21.25 -9.82
N ARG D 22 24.66 -22.28 -10.12
CA ARG D 22 26.12 -22.12 -10.17
C ARG D 22 26.59 -21.48 -11.47
N ARG D 23 25.72 -21.49 -12.48
CA ARG D 23 26.12 -20.99 -13.79
C ARG D 23 25.39 -19.68 -14.12
N PHE D 24 24.34 -19.69 -14.94
CA PHE D 24 23.72 -18.42 -15.37
C PHE D 24 23.30 -17.53 -14.20
N VAL D 25 22.69 -18.10 -13.17
CA VAL D 25 22.19 -17.27 -12.07
C VAL D 25 23.32 -16.57 -11.31
N SER D 26 24.49 -17.24 -11.18
CA SER D 26 25.62 -16.62 -10.49
C SER D 26 26.02 -15.33 -11.20
N HIS D 27 26.06 -15.36 -12.53
CA HIS D 27 26.44 -14.18 -13.30
C HIS D 27 25.39 -13.11 -13.16
N LEU D 28 24.13 -13.54 -13.13
CA LEU D 28 23.00 -12.62 -13.01
C LEU D 28 23.01 -11.92 -11.66
N VAL D 29 23.22 -12.69 -10.59
CA VAL D 29 23.29 -12.12 -9.26
C VAL D 29 24.46 -11.14 -9.15
N THR D 30 25.62 -11.54 -9.68
CA THR D 30 26.79 -10.66 -9.65
C THR D 30 26.51 -9.33 -10.33
N ALA D 31 25.84 -9.39 -11.48
CA ALA D 31 25.54 -8.17 -12.22
C ALA D 31 24.54 -7.29 -11.47
N LEU D 32 23.57 -7.92 -10.83
CA LEU D 32 22.58 -7.16 -10.06
C LEU D 32 23.23 -6.49 -8.85
N LYS D 33 24.09 -7.22 -8.13
CA LYS D 33 24.76 -6.64 -6.97
C LYS D 33 25.70 -5.54 -7.41
N LEU D 34 26.27 -5.73 -8.60
CA LEU D 34 27.13 -4.71 -9.18
C LEU D 34 26.32 -3.41 -9.42
N ASN D 35 25.02 -3.54 -9.64
CA ASN D 35 24.19 -2.33 -9.76
C ASN D 35 23.49 -1.98 -8.45
N ASN D 36 24.06 -2.45 -7.33
CA ASN D 36 23.58 -2.13 -5.99
C ASN D 36 22.14 -2.59 -5.75
N ILE D 37 21.77 -3.68 -6.38
CA ILE D 37 20.44 -4.23 -6.18
C ILE D 37 20.54 -5.48 -5.31
N ASN D 38 19.82 -5.48 -4.19
CA ASN D 38 19.81 -6.62 -3.29
C ASN D 38 18.85 -7.70 -3.79
N VAL D 39 19.30 -8.94 -3.76
CA VAL D 39 18.54 -10.06 -4.31
C VAL D 39 18.34 -11.16 -3.27
N PHE D 40 17.24 -11.90 -3.40
CA PHE D 40 17.00 -13.10 -2.61
C PHE D 40 16.96 -14.29 -3.54
N ILE D 41 17.78 -15.29 -3.25
CA ILE D 41 17.88 -16.50 -4.08
C ILE D 41 16.92 -17.59 -3.58
N ASP D 42 16.19 -18.23 -4.50
CA ASP D 42 15.23 -19.29 -4.16
C ASP D 42 15.86 -20.49 -3.46
N ASP D 43 15.03 -21.38 -2.91
CA ASP D 43 15.44 -22.69 -2.41
C ASP D 43 15.64 -23.63 -3.60
N TYR D 44 16.70 -23.38 -4.36
CA TYR D 44 16.87 -23.95 -5.69
C TYR D 44 17.10 -25.48 -5.75
N GLU D 45 17.46 -26.07 -4.61
CA GLU D 45 17.64 -27.51 -4.48
C GLU D 45 16.53 -28.07 -3.58
N ASP D 46 15.60 -27.21 -3.16
CA ASP D 46 14.58 -27.60 -2.17
C ASP D 46 15.19 -28.25 -0.94
N ARG D 47 16.08 -27.51 -0.27
CA ARG D 47 16.72 -28.01 0.95
C ARG D 47 15.81 -27.94 2.16
N GLY D 48 14.72 -27.18 2.05
CA GLY D 48 13.75 -27.13 3.14
C GLY D 48 13.60 -25.76 3.76
N GLN D 49 13.87 -24.71 3.00
CA GLN D 49 13.46 -23.40 3.48
C GLN D 49 11.94 -23.46 3.65
N PRO D 50 11.44 -23.08 4.84
CA PRO D 50 9.99 -23.18 5.06
C PRO D 50 9.22 -22.39 4.00
N LEU D 51 8.17 -23.00 3.46
CA LEU D 51 7.46 -22.40 2.33
C LEU D 51 6.89 -21.03 2.74
N ASP D 52 6.39 -20.93 3.98
CA ASP D 52 5.88 -19.67 4.50
C ASP D 52 6.94 -18.56 4.54
N VAL D 53 8.20 -18.92 4.72
CA VAL D 53 9.25 -17.92 4.67
C VAL D 53 9.46 -17.51 3.22
N LEU D 54 9.54 -18.51 2.33
CA LEU D 54 9.71 -18.24 0.90
C LEU D 54 8.58 -17.34 0.40
N LEU D 55 7.35 -17.63 0.80
CA LEU D 55 6.22 -16.85 0.34
C LEU D 55 6.26 -15.41 0.86
N LYS D 56 6.71 -15.22 2.10
CA LYS D 56 6.82 -13.87 2.62
C LYS D 56 7.92 -13.10 1.89
N ARG D 57 9.05 -13.76 1.62
CA ARG D 57 10.12 -13.16 0.83
C ARG D 57 9.63 -12.70 -0.53
N ILE D 58 8.78 -13.52 -1.15
CA ILE D 58 8.20 -13.19 -2.45
C ILE D 58 7.30 -11.98 -2.33
N GLU D 59 6.44 -12.01 -1.31
CA GLU D 59 5.49 -10.95 -1.04
C GLU D 59 6.13 -9.58 -0.82
N GLU D 60 7.23 -9.54 -0.08
CA GLU D 60 7.91 -8.28 0.24
C GLU D 60 8.83 -7.79 -0.89
N SER D 61 8.95 -8.56 -1.97
CA SER D 61 9.82 -8.23 -3.11
C SER D 61 9.23 -7.12 -3.98
N LYS D 62 10.10 -6.32 -4.63
CA LYS D 62 9.62 -5.37 -5.63
C LYS D 62 9.49 -6.03 -6.99
N ILE D 63 10.46 -6.89 -7.28
CA ILE D 63 10.50 -7.62 -8.53
C ILE D 63 10.73 -9.10 -8.26
N VAL D 64 10.00 -9.96 -8.96
CA VAL D 64 10.33 -11.38 -9.01
C VAL D 64 10.75 -11.80 -10.42
N LEU D 65 11.93 -12.41 -10.52
CA LEU D 65 12.33 -13.04 -11.75
C LEU D 65 11.92 -14.50 -11.68
N ALA D 66 10.92 -14.88 -12.48
CA ALA D 66 10.50 -16.28 -12.51
C ALA D 66 11.29 -16.95 -13.62
N ILE D 67 12.34 -17.69 -13.26
CA ILE D 67 13.18 -18.31 -14.27
C ILE D 67 12.71 -19.76 -14.52
N PHE D 68 11.90 -19.94 -15.56
CA PHE D 68 11.45 -21.27 -15.95
C PHE D 68 12.59 -22.04 -16.64
N SER D 69 12.87 -23.24 -16.15
CA SER D 69 13.81 -24.15 -16.78
C SER D 69 13.23 -25.56 -16.71
N GLY D 70 13.94 -26.53 -17.28
CA GLY D 70 13.48 -27.89 -17.25
C GLY D 70 13.23 -28.44 -15.85
N ASN D 71 13.85 -27.85 -14.83
CA ASN D 71 13.75 -28.40 -13.45
C ASN D 71 12.64 -27.75 -12.59
N TYR D 72 12.07 -26.67 -13.10
CA TYR D 72 11.10 -25.86 -12.36
C TYR D 72 9.88 -26.67 -11.91
N THR D 73 9.37 -27.49 -12.82
CA THR D 73 8.10 -28.19 -12.62
C THR D 73 8.23 -29.49 -11.82
N GLU D 74 9.45 -29.90 -11.53
CA GLU D 74 9.70 -31.09 -10.70
C GLU D 74 9.33 -30.83 -9.23
N SER D 75 9.34 -29.56 -8.83
CA SER D 75 9.17 -29.16 -7.44
C SER D 75 7.75 -28.68 -7.13
N VAL D 76 7.03 -29.39 -6.27
CA VAL D 76 5.70 -28.92 -5.86
C VAL D 76 5.81 -27.53 -5.16
N TRP D 77 6.87 -27.35 -4.38
CA TRP D 77 7.11 -26.10 -3.67
C TRP D 77 7.35 -24.92 -4.62
N CYS D 78 8.13 -25.14 -5.68
CA CYS D 78 8.38 -24.08 -6.65
C CYS D 78 7.06 -23.68 -7.32
N VAL D 79 6.21 -24.67 -7.54
CA VAL D 79 4.95 -24.39 -8.22
C VAL D 79 4.05 -23.61 -7.27
N ARG D 80 4.10 -23.94 -5.98
CA ARG D 80 3.32 -23.16 -5.03
C ARG D 80 3.85 -21.73 -4.90
N GLU D 81 5.17 -21.56 -5.04
CA GLU D 81 5.75 -20.21 -5.14
C GLU D 81 5.18 -19.48 -6.35
N LEU D 82 5.08 -20.17 -7.48
CA LEU D 82 4.52 -19.55 -8.66
C LEU D 82 3.09 -19.08 -8.40
N GLU D 83 2.29 -19.89 -7.69
CA GLU D 83 0.93 -19.47 -7.32
C GLU D 83 0.90 -18.13 -6.64
N LYS D 84 1.82 -17.94 -5.70
CA LYS D 84 1.92 -16.71 -4.92
C LYS D 84 2.35 -15.54 -5.79
N ILE D 85 3.35 -15.79 -6.62
CA ILE D 85 3.85 -14.78 -7.54
C ILE D 85 2.75 -14.21 -8.44
N LYS D 86 1.93 -15.08 -9.01
CA LYS D 86 0.85 -14.69 -9.91
C LYS D 86 -0.19 -13.84 -9.21
N ASP D 87 -0.60 -14.26 -8.02
CA ASP D 87 -1.57 -13.50 -7.24
C ASP D 87 -1.03 -12.12 -6.97
N CYS D 88 0.22 -12.04 -6.55
CA CYS D 88 0.84 -10.75 -6.26
C CYS D 88 1.01 -9.88 -7.49
N THR D 89 1.44 -10.48 -8.60
CA THR D 89 1.64 -9.70 -9.82
C THR D 89 0.26 -9.31 -10.40
N ASP D 90 -0.75 -10.18 -10.23
CA ASP D 90 -2.10 -9.85 -10.69
C ASP D 90 -2.64 -8.64 -9.94
N GLU D 91 -2.47 -8.65 -8.62
CA GLU D 91 -2.99 -7.56 -7.81
C GLU D 91 -2.14 -6.31 -7.99
N GLY D 92 -0.89 -6.51 -8.37
CA GLY D 92 0.02 -5.41 -8.65
C GLY D 92 0.84 -4.94 -7.46
N THR D 93 1.08 -5.82 -6.49
CA THR D 93 1.88 -5.42 -5.33
C THR D 93 3.34 -5.71 -5.64
N LEU D 94 3.58 -6.43 -6.72
CA LEU D 94 4.93 -6.67 -7.21
C LEU D 94 4.90 -6.84 -8.72
N VAL D 95 6.07 -6.72 -9.34
CA VAL D 95 6.23 -6.91 -10.76
C VAL D 95 6.93 -8.23 -10.97
N ALA D 96 6.38 -9.08 -11.82
CA ALA D 96 7.01 -10.34 -12.14
C ALA D 96 7.55 -10.26 -13.55
N ILE D 97 8.77 -10.77 -13.74
CA ILE D 97 9.36 -10.89 -15.08
C ILE D 97 9.67 -12.37 -15.36
N PRO D 98 8.93 -12.99 -16.29
CA PRO D 98 9.22 -14.39 -16.63
C PRO D 98 10.51 -14.49 -17.43
N ILE D 99 11.38 -15.40 -17.04
CA ILE D 99 12.61 -15.66 -17.79
C ILE D 99 12.54 -17.11 -18.29
N PHE D 100 12.72 -17.29 -19.60
CA PHE D 100 12.64 -18.61 -20.21
C PHE D 100 14.04 -19.14 -20.53
N TYR D 101 14.54 -20.01 -19.66
CA TYR D 101 15.89 -20.51 -19.79
C TYR D 101 15.92 -21.83 -20.58
N LYS D 102 16.37 -21.74 -21.83
CA LYS D 102 16.48 -22.87 -22.76
C LYS D 102 15.16 -23.57 -23.02
N LEU D 103 14.08 -22.80 -22.97
CA LEU D 103 12.77 -23.26 -23.40
C LEU D 103 12.01 -22.04 -23.91
N GLU D 104 10.99 -22.28 -24.73
CA GLU D 104 10.16 -21.22 -25.32
C GLU D 104 8.96 -20.92 -24.44
N PRO D 105 8.43 -19.69 -24.51
CA PRO D 105 7.21 -19.35 -23.76
C PRO D 105 6.06 -20.32 -24.04
N SER D 106 5.96 -20.85 -25.26
CA SER D 106 4.91 -21.82 -25.57
C SER D 106 5.10 -23.12 -24.80
N THR D 107 6.34 -23.51 -24.55
CA THR D 107 6.60 -24.73 -23.77
C THR D 107 6.04 -24.56 -22.36
N VAL D 108 6.13 -23.34 -21.82
CA VAL D 108 5.62 -23.04 -20.50
C VAL D 108 4.10 -22.96 -20.49
N ARG D 109 3.54 -22.19 -21.42
CA ARG D 109 2.10 -21.97 -21.49
C ARG D 109 1.30 -23.26 -21.73
N ASP D 110 1.81 -24.13 -22.58
CA ASP D 110 1.11 -25.36 -22.93
C ASP D 110 1.69 -26.63 -22.29
N LEU D 111 2.67 -26.42 -21.41
CA LEU D 111 3.34 -27.49 -20.68
C LEU D 111 3.83 -28.58 -21.61
N LYS D 112 4.75 -28.21 -22.51
CA LYS D 112 5.33 -29.14 -23.48
C LYS D 112 6.65 -29.77 -23.00
N GLY D 113 7.10 -30.80 -23.72
CA GLY D 113 8.41 -31.37 -23.51
C GLY D 113 8.62 -31.90 -22.12
N LYS D 114 9.88 -31.93 -21.69
CA LYS D 114 10.20 -32.45 -20.37
C LYS D 114 9.61 -31.56 -19.29
N PHE D 115 9.63 -30.26 -19.54
CA PHE D 115 9.00 -29.29 -18.65
C PHE D 115 7.58 -29.72 -18.29
N GLY D 116 6.80 -30.02 -19.32
CA GLY D 116 5.44 -30.51 -19.15
C GLY D 116 5.36 -31.91 -18.55
N ASP D 117 6.17 -32.83 -19.07
CA ASP D 117 6.20 -34.21 -18.58
C ASP D 117 6.44 -34.24 -17.07
N ARG D 118 7.36 -33.38 -16.61
CA ARG D 118 7.74 -33.32 -15.20
C ARG D 118 6.63 -32.76 -14.34
N PHE D 119 5.95 -31.74 -14.87
CA PHE D 119 4.76 -31.21 -14.22
C PHE D 119 3.70 -32.28 -14.04
N ARG D 120 3.39 -33.02 -15.12
CA ARG D 120 2.29 -33.98 -15.05
C ARG D 120 2.60 -35.10 -14.06
N SER D 121 3.86 -35.53 -14.04
CA SER D 121 4.33 -36.48 -13.06
C SER D 121 4.23 -35.95 -11.62
N MET D 122 4.74 -34.73 -11.41
CA MET D 122 4.71 -34.09 -10.09
C MET D 122 3.30 -33.91 -9.57
N ALA D 123 2.41 -33.44 -10.45
CA ALA D 123 1.08 -33.03 -10.04
C ALA D 123 0.01 -34.08 -10.21
N LYS D 124 0.42 -35.29 -10.63
CA LYS D 124 -0.54 -36.34 -10.91
C LYS D 124 -1.36 -36.64 -9.65
N GLY D 125 -2.68 -36.55 -9.78
CA GLY D 125 -3.57 -36.86 -8.68
C GLY D 125 -3.78 -35.71 -7.71
N ASP D 126 -3.04 -34.62 -7.90
CA ASP D 126 -3.16 -33.45 -7.05
C ASP D 126 -4.32 -32.54 -7.45
N GLU D 127 -5.16 -32.22 -6.47
CA GLU D 127 -6.36 -31.42 -6.68
C GLU D 127 -6.06 -29.98 -7.09
N ARG D 128 -4.81 -29.57 -6.90
CA ARG D 128 -4.39 -28.23 -7.28
C ARG D 128 -3.93 -28.20 -8.74
N LYS D 129 -3.93 -29.34 -9.41
CA LYS D 129 -3.37 -29.45 -10.77
C LYS D 129 -3.93 -28.41 -11.74
N LYS D 130 -5.26 -28.27 -11.75
CA LYS D 130 -5.89 -27.34 -12.66
C LYS D 130 -5.51 -25.87 -12.40
N LYS D 131 -5.47 -25.46 -11.13
CA LYS D 131 -5.04 -24.09 -10.81
C LYS D 131 -3.60 -23.81 -11.22
N TRP D 132 -2.74 -24.80 -11.02
CA TRP D 132 -1.35 -24.70 -11.43
C TRP D 132 -1.21 -24.54 -12.96
N LYS D 133 -1.97 -25.34 -13.71
CA LYS D 133 -1.94 -25.24 -15.17
C LYS D 133 -2.29 -23.83 -15.60
N GLU D 134 -3.28 -23.24 -14.94
CA GLU D 134 -3.72 -21.90 -15.28
C GLU D 134 -2.61 -20.88 -15.05
N ALA D 135 -1.85 -21.04 -13.97
CA ALA D 135 -0.76 -20.10 -13.71
C ALA D 135 0.29 -20.20 -14.80
N PHE D 136 0.58 -21.42 -15.22
CA PHE D 136 1.58 -21.64 -16.25
C PHE D 136 1.14 -21.12 -17.60
N ASN D 137 -0.16 -21.20 -17.85
CA ASN D 137 -0.78 -20.67 -19.04
C ASN D 137 -0.74 -19.13 -19.14
N LEU D 138 -0.95 -18.49 -17.99
CA LEU D 138 -1.15 -17.03 -17.87
C LEU D 138 0.10 -16.17 -17.67
N ILE D 139 0.97 -16.59 -16.77
CA ILE D 139 2.21 -15.87 -16.49
C ILE D 139 3.00 -15.46 -17.76
N PRO D 140 3.05 -16.33 -18.81
CA PRO D 140 3.74 -15.92 -20.04
C PRO D 140 3.04 -14.82 -20.81
N ASN D 141 1.86 -14.38 -20.35
CA ASN D 141 1.20 -13.23 -20.98
C ASN D 141 1.86 -11.94 -20.54
N ILE D 142 2.86 -12.07 -19.68
CA ILE D 142 3.67 -10.94 -19.29
C ILE D 142 4.90 -10.93 -20.17
N MET D 143 5.29 -9.77 -20.69
CA MET D 143 6.47 -9.73 -21.55
C MET D 143 7.68 -10.13 -20.72
N GLY D 144 8.52 -10.98 -21.27
CA GLY D 144 9.63 -11.56 -20.55
C GLY D 144 10.87 -11.65 -21.42
N ILE D 145 11.86 -12.41 -20.96
CA ILE D 145 13.12 -12.54 -21.66
C ILE D 145 13.45 -14.01 -21.96
N ILE D 146 13.79 -14.33 -23.21
CA ILE D 146 14.11 -15.71 -23.60
C ILE D 146 15.63 -15.93 -23.74
N ILE D 147 16.14 -16.96 -23.07
CA ILE D 147 17.52 -17.39 -23.28
C ILE D 147 17.48 -18.73 -24.02
N ASP D 148 17.81 -18.72 -25.31
CA ASP D 148 17.72 -19.95 -26.04
C ASP D 148 19.10 -20.53 -26.24
N LYS D 149 19.16 -21.66 -26.94
CA LYS D 149 20.40 -22.40 -27.13
C LYS D 149 21.51 -21.61 -27.82
N LYS D 150 21.14 -20.59 -28.61
CA LYS D 150 22.14 -19.82 -29.33
C LYS D 150 22.37 -18.44 -28.72
N SER D 151 21.76 -18.17 -27.57
CA SER D 151 21.88 -16.87 -26.95
C SER D 151 23.28 -16.65 -26.38
N VAL D 152 23.74 -15.41 -26.47
CA VAL D 152 24.98 -14.99 -25.83
C VAL D 152 24.60 -14.67 -24.40
N GLU D 153 25.01 -15.50 -23.46
CA GLU D 153 24.49 -15.36 -22.10
C GLU D 153 24.81 -14.05 -21.40
N SER D 154 26.04 -13.53 -21.56
CA SER D 154 26.37 -12.23 -20.95
C SER D 154 25.42 -11.11 -21.43
N GLU D 155 25.02 -11.12 -22.69
CA GLU D 155 24.04 -10.14 -23.19
C GLU D 155 22.67 -10.27 -22.52
N LYS D 156 22.22 -11.51 -22.32
CA LYS D 156 20.95 -11.80 -21.66
C LYS D 156 20.95 -11.34 -20.20
N VAL D 157 22.08 -11.52 -19.51
CA VAL D 157 22.24 -10.95 -18.18
C VAL D 157 22.03 -9.45 -18.26
N ASN D 158 22.67 -8.80 -19.23
CA ASN D 158 22.49 -7.37 -19.40
C ASN D 158 21.04 -7.01 -19.72
N GLU D 159 20.41 -7.80 -20.57
CA GLU D 159 19.02 -7.56 -20.91
C GLU D 159 18.15 -7.66 -19.64
N ILE D 160 18.42 -8.65 -18.80
CA ILE D 160 17.62 -8.81 -17.56
C ILE D 160 17.87 -7.66 -16.57
N VAL D 161 19.11 -7.25 -16.39
CA VAL D 161 19.38 -6.12 -15.48
C VAL D 161 18.66 -4.83 -15.92
N LYS D 162 18.68 -4.54 -17.21
CA LYS D 162 17.99 -3.35 -17.71
C LYS D 162 16.48 -3.41 -17.44
N ALA D 163 15.86 -4.57 -17.63
CA ALA D 163 14.43 -4.70 -17.35
C ALA D 163 14.13 -4.49 -15.85
N VAL D 164 14.99 -5.02 -15.00
CA VAL D 164 14.79 -4.90 -13.55
C VAL D 164 14.89 -3.43 -13.19
N LYS D 165 15.91 -2.75 -13.73
CA LYS D 165 16.11 -1.34 -13.44
C LYS D 165 14.94 -0.50 -13.93
N THR D 166 14.46 -0.82 -15.12
CA THR D 166 13.29 -0.13 -15.66
C THR D 166 12.08 -0.39 -14.76
N ALA D 167 11.93 -1.62 -14.29
CA ALA D 167 10.81 -1.95 -13.40
C ALA D 167 10.92 -1.33 -12.00
N LEU D 168 12.12 -1.20 -11.47
CA LEU D 168 12.31 -0.60 -10.16
C LEU D 168 12.04 0.89 -10.24
N THR D 169 12.31 1.45 -11.39
CA THR D 169 12.11 2.87 -11.59
C THR D 169 10.79 3.12 -12.29
#